data_1EFA
#
_entry.id   1EFA
#
_cell.length_a   251.438
_cell.length_b   251.438
_cell.length_c   204.791
_cell.angle_alpha   90.00
_cell.angle_beta   90.00
_cell.angle_gamma   120.00
#
_symmetry.space_group_name_H-M   'H 3 2'
#
loop_
_entity.id
_entity.type
_entity.pdbx_description
1 polymer "DNA (5'-D(*GP*AP*AP*T*TP*GP*TP*GP*AP*GP*CP*GP*CP*TP*CP*AP*CP*AP*AP*TP*T)-3')"
2 polymer 'LAC REPRESSOR'
3 non-polymer '2-nitrophenyl beta-D-fucopyranoside'
4 water water
#
loop_
_entity_poly.entity_id
_entity_poly.type
_entity_poly.pdbx_seq_one_letter_code
_entity_poly.pdbx_strand_id
1 'polydeoxyribonucleotide'
;(DG)(DA)(DA)(DT)(DT)(DG)(DT)(DG)(DA)(DG)(DC)(DG)(DC)(DT)(DC)(DA)(DC)(DA)(DA)(DT)
(DT)
;
D,E
2 'polypeptide(L)'
;MKPVTLYDVAEYAGVSYQTVSRVVNQASHVSAKTREKVEAAMAELNYIPNRVAQQLAGKQSLLIGVATSSLALHAPSQIV
AAIKSRADQLGASVVVSMVERSGVEACKTAVHNLLAQRVSGLIINYPLDDQDAIAVEAACTNVPALFLDVSDQTPINSII
FSHEDGTRLGVEHLVALGHQQIALLAGPLSSVSARLRLAGWHKYLTRNQIQPIAEREGDWSAMSGFQQTMQMLNEGIVPT
AMLVANDQMALGAMRAITESGLRVGADISVVGYDDTEDSSCYIPPLTTIKQDFRLLGQTSVDRLLQLSQGQAVKGNQLLP
VSLVKRKTTLAPN
;
A,B,C
#
# COMPACT_ATOMS: atom_id res chain seq x y z
N LYS C 2 32.42 -8.72 25.19
CA LYS C 2 31.70 -9.64 26.12
C LYS C 2 30.87 -8.83 27.11
N PRO C 3 29.55 -8.79 26.91
CA PRO C 3 28.60 -8.07 27.78
C PRO C 3 28.87 -8.23 29.26
N VAL C 4 28.40 -7.26 30.06
CA VAL C 4 28.63 -7.31 31.50
C VAL C 4 28.07 -8.58 32.12
N THR C 5 28.93 -9.27 32.88
CA THR C 5 28.56 -10.51 33.53
C THR C 5 28.04 -10.26 34.94
N LEU C 6 27.55 -11.31 35.59
CA LEU C 6 27.03 -11.21 36.96
C LEU C 6 28.26 -11.05 37.83
N TYR C 7 29.40 -11.49 37.28
CA TYR C 7 30.69 -11.41 37.95
C TYR C 7 31.16 -9.96 38.02
N ASP C 8 30.99 -9.24 36.92
CA ASP C 8 31.40 -7.83 36.84
C ASP C 8 30.72 -6.97 37.90
N VAL C 9 29.47 -7.30 38.21
CA VAL C 9 28.72 -6.56 39.22
C VAL C 9 29.21 -6.96 40.60
N ALA C 10 29.72 -8.20 40.72
CA ALA C 10 30.21 -8.73 41.99
C ALA C 10 31.29 -7.84 42.61
N GLU C 11 32.27 -7.46 41.81
CA GLU C 11 33.37 -6.62 42.30
C GLU C 11 33.01 -5.13 42.30
N TYR C 12 32.19 -4.72 41.35
CA TYR C 12 31.77 -3.33 41.23
C TYR C 12 30.68 -3.05 42.26
N ALA C 13 30.58 -3.94 43.25
CA ALA C 13 29.59 -3.82 44.32
C ALA C 13 30.14 -4.44 45.61
N GLY C 14 31.28 -5.10 45.50
CA GLY C 14 31.90 -5.72 46.65
C GLY C 14 31.25 -7.00 47.15
N VAL C 15 30.43 -7.62 46.31
CA VAL C 15 29.75 -8.86 46.70
C VAL C 15 30.16 -10.03 45.80
N SER C 16 29.44 -11.13 45.94
CA SER C 16 29.70 -12.33 45.15
C SER C 16 28.69 -12.45 44.01
N TYR C 17 28.89 -13.44 43.16
CA TYR C 17 27.98 -13.66 42.04
C TYR C 17 26.59 -14.06 42.56
N GLN C 18 26.56 -14.73 43.70
CA GLN C 18 25.30 -15.17 44.29
C GLN C 18 24.52 -14.02 44.90
N THR C 19 25.23 -13.11 45.55
CA THR C 19 24.60 -11.94 46.18
C THR C 19 23.77 -11.23 45.10
N VAL C 20 24.44 -10.94 43.98
CA VAL C 20 23.80 -10.26 42.85
C VAL C 20 22.62 -11.09 42.38
N SER C 21 22.84 -12.40 42.25
CA SER C 21 21.80 -13.32 41.80
C SER C 21 20.52 -13.11 42.62
N ARG C 22 20.66 -13.13 43.94
CA ARG C 22 19.52 -12.94 44.83
C ARG C 22 18.82 -11.66 44.45
N VAL C 23 19.58 -10.57 44.41
CA VAL C 23 19.06 -9.25 44.06
C VAL C 23 18.28 -9.29 42.74
N VAL C 24 18.89 -9.85 41.71
CA VAL C 24 18.25 -9.94 40.40
C VAL C 24 16.95 -10.75 40.45
N ASN C 25 16.96 -11.84 41.21
CA ASN C 25 15.78 -12.70 41.33
C ASN C 25 14.83 -12.23 42.42
N GLN C 26 15.07 -11.04 42.97
CA GLN C 26 14.22 -10.52 44.03
C GLN C 26 14.16 -11.56 45.14
N ALA C 27 15.28 -12.21 45.39
CA ALA C 27 15.38 -13.26 46.41
C ALA C 27 15.02 -12.81 47.83
N SER C 28 14.98 -13.79 48.73
CA SER C 28 14.67 -13.55 50.13
C SER C 28 15.94 -13.71 50.96
N HIS C 29 16.22 -12.72 51.80
CA HIS C 29 17.41 -12.75 52.63
C HIS C 29 18.55 -11.95 52.00
N VAL C 30 18.35 -10.64 51.89
CA VAL C 30 19.37 -9.75 51.33
C VAL C 30 19.91 -8.85 52.44
N SER C 31 21.09 -8.30 52.24
CA SER C 31 21.70 -7.43 53.24
C SER C 31 20.98 -6.08 53.35
N ALA C 32 19.66 -6.09 53.10
CA ALA C 32 18.85 -4.88 53.18
C ALA C 32 19.46 -3.76 52.34
N LYS C 33 20.37 -3.00 52.94
CA LYS C 33 21.05 -1.91 52.26
C LYS C 33 21.98 -2.50 51.20
N THR C 34 22.35 -3.76 51.39
CA THR C 34 23.23 -4.45 50.46
C THR C 34 22.61 -4.45 49.06
N ARG C 35 21.34 -4.80 48.97
CA ARG C 35 20.63 -4.83 47.70
C ARG C 35 20.61 -3.44 47.06
N GLU C 36 20.48 -2.41 47.91
CA GLU C 36 20.46 -1.04 47.43
C GLU C 36 21.77 -0.72 46.69
N LYS C 37 22.87 -1.21 47.24
CA LYS C 37 24.19 -1.00 46.64
C LYS C 37 24.35 -1.80 45.35
N VAL C 38 24.00 -3.08 45.41
CA VAL C 38 24.10 -3.96 44.24
C VAL C 38 23.32 -3.41 43.06
N GLU C 39 22.05 -3.09 43.27
CA GLU C 39 21.21 -2.56 42.20
C GLU C 39 21.85 -1.34 41.55
N ALA C 40 22.43 -0.48 42.37
CA ALA C 40 23.08 0.72 41.86
C ALA C 40 24.28 0.33 41.01
N ALA C 41 24.96 -0.75 41.42
CA ALA C 41 26.13 -1.26 40.70
C ALA C 41 25.79 -1.77 39.31
N MET C 42 24.69 -2.52 39.22
CA MET C 42 24.24 -3.08 37.94
C MET C 42 23.62 -1.99 37.08
N ALA C 43 23.03 -1.00 37.74
CA ALA C 43 22.40 0.12 37.06
C ALA C 43 23.42 0.94 36.29
N GLU C 44 24.56 1.20 36.94
CA GLU C 44 25.63 1.98 36.32
C GLU C 44 26.38 1.24 35.23
N LEU C 45 26.26 -0.08 35.23
CA LEU C 45 26.92 -0.91 34.22
C LEU C 45 25.93 -1.40 33.17
N ASN C 46 24.65 -1.06 33.37
CA ASN C 46 23.59 -1.48 32.46
C ASN C 46 23.61 -2.99 32.33
N TYR C 47 23.26 -3.66 33.42
CA TYR C 47 23.27 -5.12 33.45
C TYR C 47 21.93 -5.72 33.07
N ILE C 48 21.97 -6.69 32.15
CA ILE C 48 20.79 -7.39 31.69
C ILE C 48 21.06 -8.89 31.76
N PRO C 49 20.46 -9.58 32.75
CA PRO C 49 20.62 -11.01 32.97
C PRO C 49 20.47 -11.86 31.70
N ASN C 50 21.53 -12.60 31.36
CA ASN C 50 21.54 -13.46 30.19
C ASN C 50 20.55 -14.61 30.37
N ARG C 51 19.30 -14.40 29.97
CA ARG C 51 18.26 -15.42 30.11
C ARG C 51 18.69 -16.78 29.58
N VAL C 52 19.55 -16.82 28.58
CA VAL C 52 20.01 -18.08 28.03
C VAL C 52 20.69 -18.89 29.13
N ALA C 53 21.55 -18.22 29.89
CA ALA C 53 22.27 -18.87 30.98
C ALA C 53 21.34 -19.20 32.15
N GLN C 54 20.40 -18.31 32.44
CA GLN C 54 19.45 -18.52 33.53
C GLN C 54 18.63 -19.79 33.32
N GLN C 55 18.18 -20.00 32.10
CA GLN C 55 17.38 -21.18 31.78
C GLN C 55 18.21 -22.46 31.94
N LEU C 56 19.41 -22.47 31.35
CA LEU C 56 20.28 -23.63 31.43
C LEU C 56 20.60 -23.96 32.88
N ALA C 57 20.90 -22.92 33.66
CA ALA C 57 21.24 -23.08 35.07
C ALA C 57 20.11 -23.69 35.88
N GLY C 58 18.93 -23.81 35.29
CA GLY C 58 17.82 -24.41 36.00
C GLY C 58 16.69 -23.50 36.43
N LYS C 59 16.81 -22.20 36.16
CA LYS C 59 15.76 -21.24 36.52
C LYS C 59 14.42 -21.69 35.96
N GLN C 60 13.52 -22.06 36.85
CA GLN C 60 12.19 -22.53 36.46
C GLN C 60 11.35 -21.40 35.87
N SER C 61 11.40 -21.29 34.55
CA SER C 61 10.64 -20.26 33.83
C SER C 61 9.70 -20.96 32.87
N LEU C 62 8.42 -20.88 33.17
CA LEU C 62 7.42 -21.50 32.33
C LEU C 62 7.45 -20.88 30.93
N LEU C 63 8.09 -21.59 30.00
CA LEU C 63 8.23 -21.15 28.62
C LEU C 63 7.30 -21.93 27.67
N ILE C 64 6.24 -21.25 27.23
CA ILE C 64 5.23 -21.81 26.33
C ILE C 64 5.63 -21.73 24.84
N GLY C 65 5.54 -22.85 24.15
CA GLY C 65 5.86 -22.88 22.73
C GLY C 65 4.56 -22.83 21.96
N VAL C 66 4.58 -22.23 20.77
CA VAL C 66 3.37 -22.14 19.97
C VAL C 66 3.62 -22.38 18.49
N ALA C 67 2.98 -23.42 17.96
CA ALA C 67 3.08 -23.75 16.53
C ALA C 67 1.76 -23.22 15.97
N THR C 68 1.85 -22.31 15.01
CA THR C 68 0.64 -21.70 14.49
C THR C 68 0.60 -21.55 12.98
N SER C 69 -0.61 -21.33 12.47
CA SER C 69 -0.82 -21.09 11.05
C SER C 69 -0.29 -19.67 10.85
N SER C 70 -0.10 -19.27 9.60
CA SER C 70 0.40 -17.94 9.29
C SER C 70 -0.32 -16.84 10.07
N LEU C 71 0.46 -15.92 10.64
CA LEU C 71 -0.09 -14.82 11.40
C LEU C 71 -0.72 -13.82 10.45
N ALA C 72 -0.57 -14.05 9.15
CA ALA C 72 -1.16 -13.16 8.18
C ALA C 72 -2.66 -13.43 8.14
N LEU C 73 -3.11 -14.49 8.83
CA LEU C 73 -4.53 -14.81 8.85
C LEU C 73 -5.17 -14.21 10.09
N HIS C 74 -6.40 -13.75 9.95
CA HIS C 74 -7.08 -13.11 11.06
C HIS C 74 -7.10 -13.83 12.39
N ALA C 75 -7.84 -14.92 12.50
CA ALA C 75 -7.95 -15.64 13.79
C ALA C 75 -6.61 -16.00 14.43
N PRO C 76 -5.69 -16.58 13.64
CA PRO C 76 -4.40 -16.93 14.23
C PRO C 76 -3.73 -15.72 14.88
N SER C 77 -3.69 -14.60 14.17
CA SER C 77 -3.05 -13.40 14.73
C SER C 77 -3.77 -12.99 16.00
N GLN C 78 -5.10 -13.01 15.98
CA GLN C 78 -5.83 -12.62 17.18
C GLN C 78 -5.50 -13.55 18.34
N ILE C 79 -5.37 -14.84 18.03
CA ILE C 79 -5.10 -15.84 19.05
C ILE C 79 -3.71 -15.73 19.65
N VAL C 80 -2.69 -15.65 18.80
CA VAL C 80 -1.35 -15.50 19.31
C VAL C 80 -1.30 -14.25 20.20
N ALA C 81 -1.95 -13.18 19.77
CA ALA C 81 -1.99 -11.93 20.52
C ALA C 81 -2.53 -12.15 21.92
N ALA C 82 -3.70 -12.79 22.02
CA ALA C 82 -4.28 -13.05 23.33
C ALA C 82 -3.39 -14.02 24.14
N ILE C 83 -2.63 -14.88 23.44
CA ILE C 83 -1.76 -15.83 24.13
C ILE C 83 -0.59 -15.07 24.77
N LYS C 84 0.16 -14.33 23.96
CA LYS C 84 1.28 -13.55 24.46
C LYS C 84 0.80 -12.60 25.57
N SER C 85 -0.34 -11.98 25.35
CA SER C 85 -0.89 -11.08 26.35
C SER C 85 -1.09 -11.79 27.67
N ARG C 86 -1.86 -12.87 27.67
CA ARG C 86 -2.13 -13.61 28.91
C ARG C 86 -0.86 -14.20 29.53
N ALA C 87 0.09 -14.62 28.71
CA ALA C 87 1.32 -15.20 29.22
C ALA C 87 2.18 -14.13 29.92
N ASP C 88 2.18 -12.92 29.37
CA ASP C 88 2.94 -11.82 29.96
C ASP C 88 2.32 -11.53 31.32
N GLN C 89 1.00 -11.59 31.36
CA GLN C 89 0.26 -11.32 32.57
C GLN C 89 0.48 -12.37 33.66
N LEU C 90 1.01 -13.54 33.28
CA LEU C 90 1.25 -14.61 34.24
C LEU C 90 2.74 -14.78 34.45
N GLY C 91 3.52 -13.87 33.90
CA GLY C 91 4.96 -13.96 34.05
C GLY C 91 5.50 -15.14 33.28
N ALA C 92 4.76 -15.57 32.25
CA ALA C 92 5.19 -16.70 31.44
C ALA C 92 5.76 -16.19 30.13
N SER C 93 6.77 -16.87 29.61
CA SER C 93 7.40 -16.47 28.37
C SER C 93 6.78 -17.25 27.19
N VAL C 94 6.86 -16.69 25.98
CA VAL C 94 6.27 -17.34 24.82
C VAL C 94 7.09 -17.25 23.54
N VAL C 95 7.44 -18.40 22.98
CA VAL C 95 8.17 -18.43 21.73
C VAL C 95 7.20 -19.05 20.73
N VAL C 96 7.14 -18.55 19.50
CA VAL C 96 6.20 -19.10 18.54
C VAL C 96 6.83 -19.48 17.21
N SER C 97 6.46 -20.65 16.71
CA SER C 97 6.98 -21.14 15.45
C SER C 97 5.84 -21.08 14.45
N MET C 98 6.01 -20.29 13.41
CA MET C 98 4.98 -20.12 12.42
C MET C 98 5.15 -21.16 11.32
N VAL C 99 4.07 -21.87 11.00
CA VAL C 99 4.11 -22.88 9.95
C VAL C 99 3.44 -22.33 8.70
N GLU C 100 4.18 -22.25 7.61
CA GLU C 100 3.61 -21.73 6.37
C GLU C 100 3.33 -22.85 5.37
N ARG C 101 4.31 -23.73 5.21
CA ARG C 101 4.14 -24.85 4.30
C ARG C 101 2.96 -25.67 4.79
N SER C 102 2.15 -26.17 3.87
CA SER C 102 1.00 -26.99 4.23
C SER C 102 1.48 -28.41 4.43
N GLY C 103 1.03 -29.06 5.49
CA GLY C 103 1.45 -30.42 5.73
C GLY C 103 1.83 -30.71 7.17
N VAL C 104 1.80 -32.00 7.51
CA VAL C 104 2.13 -32.47 8.85
C VAL C 104 3.62 -32.42 9.11
N GLU C 105 4.41 -32.58 8.06
CA GLU C 105 5.86 -32.52 8.21
C GLU C 105 6.25 -31.13 8.66
N ALA C 106 5.63 -30.13 8.02
CA ALA C 106 5.89 -28.73 8.35
C ALA C 106 5.57 -28.47 9.82
N CYS C 107 4.42 -28.98 10.26
CA CYS C 107 4.01 -28.79 11.64
C CYS C 107 4.93 -29.55 12.59
N LYS C 108 5.44 -30.68 12.12
CA LYS C 108 6.35 -31.47 12.94
C LYS C 108 7.67 -30.71 13.05
N THR C 109 8.12 -30.13 11.93
CA THR C 109 9.35 -29.35 11.92
C THR C 109 9.22 -28.24 12.96
N ALA C 110 8.07 -27.59 12.95
CA ALA C 110 7.78 -26.52 13.89
C ALA C 110 7.84 -27.02 15.34
N VAL C 111 7.25 -28.18 15.59
CA VAL C 111 7.26 -28.72 16.95
C VAL C 111 8.68 -29.10 17.35
N HIS C 112 9.47 -29.54 16.37
CA HIS C 112 10.84 -29.94 16.62
C HIS C 112 11.62 -28.77 17.22
N ASN C 113 11.58 -27.63 16.52
CA ASN C 113 12.29 -26.43 16.97
C ASN C 113 11.81 -25.96 18.32
N LEU C 114 10.49 -25.94 18.52
CA LEU C 114 9.94 -25.51 19.78
C LEU C 114 10.49 -26.40 20.89
N LEU C 115 10.67 -27.68 20.58
CA LEU C 115 11.18 -28.63 21.54
C LEU C 115 12.65 -28.33 21.82
N ALA C 116 13.38 -27.99 20.77
CA ALA C 116 14.79 -27.66 20.90
C ALA C 116 15.00 -26.51 21.87
N GLN C 117 14.05 -25.59 21.92
CA GLN C 117 14.15 -24.45 22.83
C GLN C 117 13.69 -24.85 24.21
N ARG C 118 13.53 -26.16 24.41
CA ARG C 118 13.11 -26.70 25.70
C ARG C 118 11.92 -25.98 26.33
N VAL C 119 10.82 -25.91 25.60
CA VAL C 119 9.61 -25.29 26.08
C VAL C 119 8.99 -26.23 27.12
N SER C 120 8.21 -25.69 28.05
CA SER C 120 7.60 -26.53 29.05
C SER C 120 6.21 -27.00 28.62
N GLY C 121 5.81 -26.61 27.41
CA GLY C 121 4.50 -27.00 26.90
C GLY C 121 4.26 -26.44 25.50
N LEU C 122 3.37 -27.06 24.74
CA LEU C 122 3.08 -26.58 23.39
C LEU C 122 1.62 -26.29 23.18
N ILE C 123 1.36 -25.28 22.34
CA ILE C 123 0.00 -24.92 21.96
C ILE C 123 0.07 -25.00 20.45
N ILE C 124 -0.68 -25.95 19.89
CA ILE C 124 -0.67 -26.16 18.45
C ILE C 124 -1.95 -25.56 17.84
N ASN C 125 -1.79 -24.44 17.14
CA ASN C 125 -2.93 -23.82 16.48
C ASN C 125 -2.66 -24.01 15.00
N TYR C 126 -2.87 -25.24 14.55
CA TYR C 126 -2.63 -25.61 13.16
C TYR C 126 -3.57 -26.76 12.83
N PRO C 127 -4.26 -26.68 11.69
CA PRO C 127 -5.21 -27.71 11.23
C PRO C 127 -4.58 -29.10 11.14
N LEU C 128 -5.05 -30.01 11.99
CA LEU C 128 -4.50 -31.36 12.02
C LEU C 128 -5.57 -32.45 12.03
N ASP C 129 -5.46 -33.41 11.12
CA ASP C 129 -6.41 -34.53 11.10
C ASP C 129 -6.06 -35.37 12.35
N ASP C 130 -7.00 -36.19 12.80
CA ASP C 130 -6.81 -37.01 14.00
C ASP C 130 -5.47 -37.75 14.19
N GLN C 131 -5.08 -38.56 13.21
CA GLN C 131 -3.85 -39.29 13.39
C GLN C 131 -2.63 -38.39 13.37
N ASP C 132 -2.67 -37.34 12.56
CA ASP C 132 -1.56 -36.39 12.49
C ASP C 132 -1.45 -35.69 13.85
N ALA C 133 -2.59 -35.30 14.41
CA ALA C 133 -2.59 -34.64 15.69
C ALA C 133 -1.98 -35.58 16.74
N ILE C 134 -2.41 -36.85 16.72
CA ILE C 134 -1.90 -37.85 17.66
C ILE C 134 -0.39 -38.03 17.47
N ALA C 135 0.06 -37.99 16.22
CA ALA C 135 1.47 -38.13 15.91
C ALA C 135 2.23 -36.97 16.53
N VAL C 136 1.79 -35.74 16.25
CA VAL C 136 2.42 -34.55 16.79
C VAL C 136 2.45 -34.66 18.32
N GLU C 137 1.29 -34.90 18.91
CA GLU C 137 1.17 -35.05 20.34
C GLU C 137 2.23 -36.03 20.86
N ALA C 138 2.48 -37.09 20.10
CA ALA C 138 3.47 -38.08 20.50
C ALA C 138 4.88 -37.53 20.43
N ALA C 139 5.17 -36.73 19.41
CA ALA C 139 6.51 -36.15 19.24
C ALA C 139 6.90 -35.20 20.38
N CYS C 140 5.89 -34.65 21.05
CA CYS C 140 6.13 -33.72 22.15
C CYS C 140 6.72 -34.45 23.34
N THR C 141 7.97 -34.85 23.19
CA THR C 141 8.72 -35.58 24.21
C THR C 141 8.51 -35.10 25.64
N ASN C 142 7.65 -35.79 26.39
CA ASN C 142 7.39 -35.48 27.80
C ASN C 142 6.60 -34.21 28.12
N VAL C 143 6.58 -33.25 27.19
CA VAL C 143 5.86 -32.00 27.42
C VAL C 143 4.42 -32.02 26.95
N PRO C 144 3.50 -31.43 27.73
CA PRO C 144 2.08 -31.36 27.39
C PRO C 144 1.79 -30.55 26.12
N ALA C 145 0.76 -30.96 25.38
CA ALA C 145 0.37 -30.27 24.16
C ALA C 145 -1.12 -29.99 24.20
N LEU C 146 -1.51 -28.81 23.73
CA LEU C 146 -2.91 -28.39 23.71
C LEU C 146 -3.17 -28.02 22.26
N PHE C 147 -4.28 -28.52 21.71
CA PHE C 147 -4.61 -28.26 20.31
C PHE C 147 -5.82 -27.34 20.15
N LEU C 148 -5.75 -26.45 19.15
CA LEU C 148 -6.83 -25.50 18.91
C LEU C 148 -7.48 -25.65 17.54
N ASP C 149 -6.90 -26.48 16.67
CA ASP C 149 -7.49 -26.69 15.35
C ASP C 149 -7.61 -28.19 15.00
N VAL C 150 -8.35 -28.88 15.86
CA VAL C 150 -8.61 -30.30 15.69
C VAL C 150 -10.09 -30.49 15.96
N SER C 151 -10.60 -31.67 15.65
CA SER C 151 -12.00 -31.98 15.89
C SER C 151 -12.20 -32.21 17.38
N ASP C 152 -13.43 -32.04 17.84
CA ASP C 152 -13.76 -32.29 19.23
C ASP C 152 -13.65 -33.79 19.48
N GLN C 153 -13.61 -34.57 18.39
CA GLN C 153 -13.51 -36.01 18.46
C GLN C 153 -12.07 -36.52 18.50
N THR C 154 -11.09 -35.64 18.44
CA THR C 154 -9.72 -36.10 18.46
C THR C 154 -9.35 -36.47 19.89
N PRO C 155 -8.66 -37.60 20.08
CA PRO C 155 -8.28 -38.00 21.44
C PRO C 155 -7.02 -37.32 21.95
N ILE C 156 -7.12 -36.03 22.25
CA ILE C 156 -6.00 -35.25 22.78
C ILE C 156 -6.54 -34.04 23.50
N ASN C 157 -5.65 -33.28 24.15
CA ASN C 157 -6.07 -32.07 24.85
C ASN C 157 -6.35 -31.00 23.80
N SER C 158 -7.50 -30.37 23.91
CA SER C 158 -7.87 -29.37 22.93
C SER C 158 -8.89 -28.38 23.46
N ILE C 159 -8.95 -27.22 22.80
CA ILE C 159 -9.92 -26.20 23.14
C ILE C 159 -10.38 -25.65 21.82
N ILE C 160 -11.69 -25.65 21.61
CA ILE C 160 -12.25 -25.13 20.38
C ILE C 160 -13.59 -24.48 20.65
N PHE C 161 -14.04 -23.63 19.74
CA PHE C 161 -15.33 -23.02 19.94
C PHE C 161 -16.37 -24.07 19.59
N SER C 162 -17.52 -23.99 20.22
CA SER C 162 -18.58 -24.94 19.96
C SER C 162 -19.20 -24.73 18.59
N HIS C 163 -18.67 -25.41 17.59
CA HIS C 163 -19.21 -25.28 16.23
C HIS C 163 -20.65 -25.76 16.24
N GLU C 164 -20.93 -26.70 17.13
CA GLU C 164 -22.27 -27.24 17.25
C GLU C 164 -23.23 -26.09 17.53
N ASP C 165 -22.86 -25.26 18.52
CA ASP C 165 -23.68 -24.11 18.90
C ASP C 165 -23.71 -23.03 17.82
N GLY C 166 -22.58 -22.79 17.17
CA GLY C 166 -22.52 -21.76 16.15
C GLY C 166 -23.42 -22.04 14.97
N THR C 167 -23.24 -23.22 14.38
CA THR C 167 -24.03 -23.62 13.21
C THR C 167 -25.51 -23.76 13.54
N ARG C 168 -25.83 -24.19 14.75
CA ARG C 168 -27.24 -24.33 15.11
C ARG C 168 -27.85 -22.93 15.16
N LEU C 169 -27.18 -22.03 15.90
CA LEU C 169 -27.62 -20.64 16.04
C LEU C 169 -27.87 -20.07 14.65
N GLY C 170 -26.92 -20.28 13.76
CA GLY C 170 -27.09 -19.77 12.41
C GLY C 170 -28.31 -20.36 11.73
N VAL C 171 -28.35 -21.68 11.63
CA VAL C 171 -29.47 -22.36 10.98
C VAL C 171 -30.82 -22.02 11.61
N GLU C 172 -30.91 -22.13 12.93
CA GLU C 172 -32.17 -21.84 13.59
C GLU C 172 -32.64 -20.41 13.32
N HIS C 173 -31.68 -19.49 13.22
CA HIS C 173 -31.99 -18.09 12.95
C HIS C 173 -32.60 -17.96 11.55
N LEU C 174 -31.94 -18.54 10.57
CA LEU C 174 -32.47 -18.46 9.21
C LEU C 174 -33.86 -19.14 9.13
N VAL C 175 -34.01 -20.26 9.83
CA VAL C 175 -35.26 -21.00 9.82
C VAL C 175 -36.38 -20.16 10.45
N ALA C 176 -36.13 -19.61 11.64
CA ALA C 176 -37.13 -18.79 12.31
C ALA C 176 -37.56 -17.62 11.42
N LEU C 177 -36.69 -17.21 10.50
CA LEU C 177 -37.01 -16.12 9.59
C LEU C 177 -37.79 -16.67 8.41
N GLY C 178 -37.98 -17.99 8.40
CA GLY C 178 -38.72 -18.61 7.32
C GLY C 178 -37.95 -18.95 6.06
N HIS C 179 -36.63 -19.06 6.15
CA HIS C 179 -35.86 -19.39 4.94
C HIS C 179 -35.87 -20.90 4.68
N GLN C 180 -35.91 -21.29 3.41
CA GLN C 180 -35.90 -22.70 3.06
C GLN C 180 -34.89 -22.94 1.95
N GLN C 181 -34.70 -21.93 1.11
CA GLN C 181 -33.72 -22.01 0.02
C GLN C 181 -32.41 -21.44 0.59
N ILE C 182 -31.57 -22.31 1.14
CA ILE C 182 -30.31 -21.90 1.76
C ILE C 182 -29.07 -22.46 1.08
N ALA C 183 -28.07 -21.60 0.84
CA ALA C 183 -26.82 -22.02 0.22
C ALA C 183 -25.76 -22.01 1.30
N LEU C 184 -24.69 -22.78 1.11
CA LEU C 184 -23.61 -22.85 2.10
C LEU C 184 -22.27 -22.55 1.46
N LEU C 185 -21.55 -21.61 2.07
CA LEU C 185 -20.23 -21.23 1.59
C LEU C 185 -19.28 -21.60 2.71
N ALA C 186 -18.51 -22.65 2.50
CA ALA C 186 -17.61 -23.12 3.55
C ALA C 186 -16.16 -22.71 3.37
N GLY C 187 -15.42 -22.82 4.47
CA GLY C 187 -14.01 -22.49 4.45
C GLY C 187 -13.29 -23.58 3.68
N PRO C 188 -11.97 -23.46 3.49
CA PRO C 188 -11.25 -24.50 2.75
C PRO C 188 -11.35 -25.85 3.49
N LEU C 189 -11.66 -26.91 2.74
CA LEU C 189 -11.79 -28.24 3.34
C LEU C 189 -10.53 -28.75 4.04
N SER C 190 -9.38 -28.20 3.67
CA SER C 190 -8.13 -28.61 4.32
C SER C 190 -8.12 -28.10 5.75
N SER C 191 -9.12 -27.31 6.14
CA SER C 191 -9.22 -26.78 7.49
C SER C 191 -10.19 -27.57 8.38
N VAL C 192 -9.71 -28.06 9.50
CA VAL C 192 -10.57 -28.83 10.39
C VAL C 192 -11.75 -27.98 10.84
N SER C 193 -11.44 -26.77 11.27
CA SER C 193 -12.48 -25.87 11.73
C SER C 193 -13.54 -25.64 10.64
N ALA C 194 -13.09 -25.49 9.39
CA ALA C 194 -14.02 -25.28 8.30
C ALA C 194 -14.95 -26.49 8.21
N ARG C 195 -14.35 -27.69 8.19
CA ARG C 195 -15.11 -28.93 8.10
C ARG C 195 -16.08 -29.06 9.25
N LEU C 196 -15.64 -28.72 10.46
CA LEU C 196 -16.56 -28.82 11.59
C LEU C 196 -17.78 -27.94 11.36
N ARG C 197 -17.58 -26.72 10.84
CA ARG C 197 -18.72 -25.84 10.61
C ARG C 197 -19.61 -26.41 9.52
N LEU C 198 -18.99 -26.93 8.46
CA LEU C 198 -19.76 -27.50 7.36
C LEU C 198 -20.69 -28.57 7.93
N ALA C 199 -20.09 -29.49 8.69
CA ALA C 199 -20.83 -30.58 9.31
C ALA C 199 -21.95 -30.02 10.17
N GLY C 200 -21.62 -29.03 10.98
CA GLY C 200 -22.63 -28.45 11.86
C GLY C 200 -23.85 -27.96 11.10
N TRP C 201 -23.62 -27.31 9.96
CA TRP C 201 -24.74 -26.79 9.18
C TRP C 201 -25.57 -27.93 8.65
N HIS C 202 -24.91 -28.94 8.08
CA HIS C 202 -25.64 -30.08 7.53
C HIS C 202 -26.45 -30.72 8.64
N LYS C 203 -25.81 -30.95 9.78
CA LYS C 203 -26.52 -31.54 10.88
C LYS C 203 -27.81 -30.79 11.20
N TYR C 204 -27.73 -29.49 11.50
CA TYR C 204 -28.96 -28.78 11.87
C TYR C 204 -29.91 -28.44 10.73
N LEU C 205 -29.40 -28.42 9.50
CA LEU C 205 -30.31 -28.14 8.40
C LEU C 205 -31.17 -29.39 8.21
N THR C 206 -30.54 -30.56 8.43
CA THR C 206 -31.20 -31.84 8.31
C THR C 206 -32.31 -31.93 9.36
N ARG C 207 -32.00 -31.57 10.60
CA ARG C 207 -33.00 -31.61 11.66
C ARG C 207 -34.16 -30.67 11.39
N ASN C 208 -34.11 -29.88 10.32
CA ASN C 208 -35.21 -28.97 10.02
C ASN C 208 -35.73 -29.33 8.65
N GLN C 209 -35.35 -30.53 8.21
CA GLN C 209 -35.78 -31.03 6.92
C GLN C 209 -35.52 -30.04 5.80
N ILE C 210 -34.27 -29.56 5.75
CA ILE C 210 -33.85 -28.63 4.72
C ILE C 210 -32.59 -29.17 4.06
N GLN C 211 -32.49 -29.00 2.75
CA GLN C 211 -31.32 -29.44 2.02
C GLN C 211 -30.74 -28.23 1.33
N PRO C 212 -29.47 -27.89 1.63
CA PRO C 212 -28.89 -26.72 0.96
C PRO C 212 -29.03 -26.81 -0.56
N ILE C 213 -29.49 -25.73 -1.19
CA ILE C 213 -29.62 -25.75 -2.64
C ILE C 213 -28.30 -25.48 -3.32
N ALA C 214 -27.25 -25.29 -2.52
CA ALA C 214 -25.90 -25.04 -3.04
C ALA C 214 -24.90 -25.17 -1.89
N GLU C 215 -23.67 -25.53 -2.23
CA GLU C 215 -22.64 -25.72 -1.23
C GLU C 215 -21.28 -25.54 -1.89
N ARG C 216 -20.65 -24.38 -1.64
CA ARG C 216 -19.35 -24.08 -2.24
C ARG C 216 -18.25 -23.98 -1.20
N GLU C 217 -17.01 -23.99 -1.67
CA GLU C 217 -15.85 -23.91 -0.80
C GLU C 217 -14.97 -22.70 -1.13
N GLY C 218 -14.69 -21.89 -0.12
CA GLY C 218 -13.84 -20.74 -0.30
C GLY C 218 -12.51 -21.03 0.35
N ASP C 219 -11.71 -19.99 0.60
CA ASP C 219 -10.41 -20.20 1.22
C ASP C 219 -10.20 -19.21 2.35
N TRP C 220 -11.31 -18.71 2.90
CA TRP C 220 -11.29 -17.75 4.00
C TRP C 220 -11.24 -16.30 3.52
N SER C 221 -10.71 -16.07 2.31
CA SER C 221 -10.61 -14.72 1.78
C SER C 221 -11.92 -14.18 1.21
N ALA C 222 -12.09 -12.87 1.28
CA ALA C 222 -13.30 -12.22 0.77
C ALA C 222 -13.42 -12.44 -0.74
N MET C 223 -12.31 -12.45 -1.44
CA MET C 223 -12.34 -12.64 -2.87
C MET C 223 -12.94 -14.01 -3.19
N SER C 224 -12.60 -15.01 -2.38
CA SER C 224 -13.14 -16.34 -2.64
C SER C 224 -14.66 -16.29 -2.40
N GLY C 225 -15.06 -15.57 -1.37
CA GLY C 225 -16.48 -15.46 -1.09
C GLY C 225 -17.19 -14.81 -2.25
N PHE C 226 -16.52 -13.83 -2.86
CA PHE C 226 -17.09 -13.11 -3.99
C PHE C 226 -17.21 -14.00 -5.21
N GLN C 227 -16.10 -14.65 -5.57
CA GLN C 227 -16.08 -15.52 -6.73
C GLN C 227 -17.03 -16.70 -6.61
N GLN C 228 -17.00 -17.39 -5.48
CA GLN C 228 -17.89 -18.52 -5.26
C GLN C 228 -19.35 -18.11 -5.37
N THR C 229 -19.73 -17.02 -4.70
CA THR C 229 -21.11 -16.58 -4.77
C THR C 229 -21.48 -16.10 -6.17
N MET C 230 -20.49 -15.64 -6.94
CA MET C 230 -20.77 -15.19 -8.29
C MET C 230 -21.05 -16.37 -9.19
N GLN C 231 -20.21 -17.40 -9.10
CA GLN C 231 -20.39 -18.62 -9.89
C GLN C 231 -21.76 -19.20 -9.57
N MET C 232 -22.09 -19.29 -8.29
CA MET C 232 -23.36 -19.82 -7.86
C MET C 232 -24.51 -19.07 -8.53
N LEU C 233 -24.49 -17.74 -8.45
CA LEU C 233 -25.55 -16.93 -9.04
C LEU C 233 -25.59 -17.03 -10.56
N ASN C 234 -24.42 -17.16 -11.18
CA ASN C 234 -24.35 -17.27 -12.62
C ASN C 234 -24.91 -18.61 -13.10
N GLU C 235 -24.99 -19.57 -12.19
CA GLU C 235 -25.54 -20.88 -12.53
C GLU C 235 -27.04 -20.85 -12.31
N GLY C 236 -27.61 -19.67 -12.12
CA GLY C 236 -29.03 -19.59 -11.92
C GLY C 236 -29.49 -19.99 -10.53
N ILE C 237 -28.58 -20.51 -9.71
CA ILE C 237 -28.96 -20.88 -8.35
C ILE C 237 -28.99 -19.63 -7.48
N VAL C 238 -30.19 -19.17 -7.11
CA VAL C 238 -30.28 -17.98 -6.27
C VAL C 238 -31.11 -18.24 -5.01
N PRO C 239 -30.44 -18.53 -3.88
CA PRO C 239 -31.07 -18.81 -2.58
C PRO C 239 -31.67 -17.58 -1.97
N THR C 240 -32.23 -17.70 -0.78
CA THR C 240 -32.79 -16.56 -0.10
C THR C 240 -31.96 -16.27 1.15
N ALA C 241 -30.96 -17.11 1.39
CA ALA C 241 -30.10 -16.94 2.55
C ALA C 241 -28.84 -17.77 2.37
N MET C 242 -27.75 -17.31 2.98
CA MET C 242 -26.47 -18.00 2.88
C MET C 242 -25.81 -18.07 4.23
N LEU C 243 -25.22 -19.22 4.54
CA LEU C 243 -24.49 -19.39 5.78
C LEU C 243 -23.05 -19.41 5.26
N VAL C 244 -22.21 -18.51 5.80
CA VAL C 244 -20.82 -18.41 5.36
C VAL C 244 -19.87 -18.73 6.51
N ALA C 245 -18.81 -19.47 6.20
CA ALA C 245 -17.84 -19.90 7.19
C ALA C 245 -17.14 -18.81 8.00
N ASN C 246 -17.03 -17.60 7.45
CA ASN C 246 -16.41 -16.49 8.17
C ASN C 246 -16.86 -15.13 7.62
N ASP C 247 -16.64 -14.09 8.41
CA ASP C 247 -17.05 -12.73 8.03
C ASP C 247 -16.41 -12.28 6.74
N GLN C 248 -15.14 -12.56 6.55
CA GLN C 248 -14.49 -12.13 5.34
C GLN C 248 -15.13 -12.69 4.09
N MET C 249 -15.45 -13.99 4.07
CA MET C 249 -16.09 -14.53 2.88
C MET C 249 -17.50 -13.96 2.76
N ALA C 250 -18.17 -13.75 3.89
CA ALA C 250 -19.50 -13.16 3.86
C ALA C 250 -19.42 -11.82 3.12
N LEU C 251 -18.38 -11.04 3.43
CA LEU C 251 -18.16 -9.75 2.77
C LEU C 251 -18.14 -9.93 1.26
N GLY C 252 -17.37 -10.90 0.79
CA GLY C 252 -17.31 -11.14 -0.64
C GLY C 252 -18.65 -11.61 -1.18
N ALA C 253 -19.40 -12.37 -0.38
CA ALA C 253 -20.68 -12.86 -0.83
C ALA C 253 -21.58 -11.64 -1.00
N MET C 254 -21.60 -10.81 0.03
CA MET C 254 -22.41 -9.59 0.00
C MET C 254 -22.09 -8.72 -1.22
N ARG C 255 -20.82 -8.65 -1.62
CA ARG C 255 -20.45 -7.87 -2.78
C ARG C 255 -21.09 -8.46 -4.02
N ALA C 256 -20.96 -9.78 -4.19
CA ALA C 256 -21.53 -10.48 -5.33
C ALA C 256 -23.05 -10.30 -5.36
N ILE C 257 -23.69 -10.50 -4.23
CA ILE C 257 -25.13 -10.34 -4.17
C ILE C 257 -25.50 -8.95 -4.67
N THR C 258 -24.91 -7.93 -4.05
CA THR C 258 -25.19 -6.55 -4.39
C THR C 258 -24.88 -6.19 -5.83
N GLU C 259 -23.73 -6.62 -6.34
CA GLU C 259 -23.38 -6.30 -7.71
C GLU C 259 -24.21 -7.09 -8.71
N SER C 260 -25.15 -7.89 -8.20
CA SER C 260 -26.03 -8.68 -9.05
C SER C 260 -27.42 -8.05 -9.14
N GLY C 261 -27.64 -6.98 -8.40
CA GLY C 261 -28.94 -6.34 -8.44
C GLY C 261 -29.84 -6.81 -7.33
N LEU C 262 -29.31 -7.64 -6.45
CA LEU C 262 -30.11 -8.15 -5.32
C LEU C 262 -29.73 -7.42 -4.05
N ARG C 263 -30.66 -7.34 -3.11
CA ARG C 263 -30.42 -6.64 -1.85
C ARG C 263 -30.04 -7.58 -0.71
N VAL C 264 -28.83 -7.43 -0.18
CA VAL C 264 -28.43 -8.27 0.94
C VAL C 264 -29.47 -8.02 2.02
N GLY C 265 -30.00 -9.11 2.58
CA GLY C 265 -31.01 -8.98 3.60
C GLY C 265 -32.37 -9.22 2.98
N ALA C 266 -32.92 -8.20 2.33
CA ALA C 266 -34.24 -8.29 1.69
C ALA C 266 -34.36 -9.39 0.63
N ASP C 267 -33.34 -9.59 -0.18
CA ASP C 267 -33.44 -10.62 -1.21
C ASP C 267 -32.68 -11.88 -0.81
N ILE C 268 -31.42 -11.72 -0.42
CA ILE C 268 -30.63 -12.85 0.02
C ILE C 268 -30.01 -12.54 1.37
N SER C 269 -30.52 -13.14 2.44
CA SER C 269 -29.96 -12.91 3.75
C SER C 269 -28.57 -13.56 3.81
N VAL C 270 -27.75 -13.15 4.78
CA VAL C 270 -26.40 -13.71 4.91
C VAL C 270 -26.02 -13.80 6.36
N VAL C 271 -25.24 -14.83 6.70
CA VAL C 271 -24.79 -14.98 8.07
C VAL C 271 -23.32 -15.30 8.00
N GLY C 272 -22.52 -14.67 8.85
CA GLY C 272 -21.10 -14.90 8.81
C GLY C 272 -20.61 -15.64 10.04
N TYR C 273 -19.30 -15.73 10.19
CA TYR C 273 -18.73 -16.43 11.32
C TYR C 273 -17.46 -15.71 11.78
N ASP C 274 -17.36 -15.46 13.09
CA ASP C 274 -16.23 -14.78 13.75
C ASP C 274 -16.66 -13.58 14.57
N ASP C 275 -17.42 -12.70 13.92
CA ASP C 275 -17.85 -11.42 14.48
C ASP C 275 -16.60 -10.57 14.59
N THR C 276 -15.86 -10.45 13.50
CA THR C 276 -14.65 -9.63 13.47
C THR C 276 -15.04 -8.17 13.71
N GLU C 277 -14.08 -7.36 14.14
CA GLU C 277 -14.31 -5.93 14.38
C GLU C 277 -14.95 -5.23 13.18
N ASP C 278 -14.43 -5.48 11.98
CA ASP C 278 -14.97 -4.85 10.79
C ASP C 278 -16.41 -5.26 10.47
N SER C 279 -16.81 -6.48 10.82
CA SER C 279 -18.17 -6.96 10.48
C SER C 279 -19.32 -6.04 10.89
N SER C 280 -19.11 -5.24 11.93
CA SER C 280 -20.15 -4.32 12.37
C SER C 280 -20.31 -3.12 11.44
N CYS C 281 -19.40 -2.96 10.48
CA CYS C 281 -19.48 -1.84 9.55
C CYS C 281 -19.59 -2.23 8.07
N TYR C 282 -19.96 -3.46 7.80
CA TYR C 282 -20.15 -3.87 6.40
C TYR C 282 -21.42 -3.18 5.92
N ILE C 283 -21.66 -3.17 4.61
CA ILE C 283 -22.87 -2.53 4.06
C ILE C 283 -23.81 -3.63 3.55
N PRO C 284 -24.82 -4.03 4.35
CA PRO C 284 -25.19 -3.58 5.69
C PRO C 284 -24.49 -4.41 6.76
N PRO C 285 -24.50 -3.91 8.01
CA PRO C 285 -23.86 -4.64 9.12
C PRO C 285 -24.22 -6.13 9.06
N LEU C 286 -23.18 -6.95 9.17
CA LEU C 286 -23.29 -8.40 9.08
C LEU C 286 -23.70 -9.17 10.33
N THR C 287 -24.77 -9.94 10.20
CA THR C 287 -25.24 -10.81 11.28
C THR C 287 -24.19 -11.93 11.30
N THR C 288 -23.71 -12.30 12.48
CA THR C 288 -22.64 -13.29 12.53
C THR C 288 -22.58 -14.04 13.85
N ILE C 289 -21.69 -15.01 13.91
CA ILE C 289 -21.53 -15.80 15.12
C ILE C 289 -20.26 -15.29 15.78
N LYS C 290 -20.37 -14.90 17.04
CA LYS C 290 -19.21 -14.38 17.74
C LYS C 290 -18.27 -15.39 18.36
N GLN C 291 -17.00 -15.31 17.97
CA GLN C 291 -15.98 -16.19 18.50
C GLN C 291 -14.96 -15.30 19.22
N ASP C 292 -15.04 -15.28 20.54
CA ASP C 292 -14.15 -14.46 21.35
C ASP C 292 -12.72 -14.97 21.39
N PHE C 293 -11.93 -14.55 20.41
CA PHE C 293 -10.53 -14.99 20.35
C PHE C 293 -9.72 -14.68 21.59
N ARG C 294 -10.01 -13.56 22.26
CA ARG C 294 -9.26 -13.20 23.46
C ARG C 294 -9.44 -14.35 24.45
N LEU C 295 -10.70 -14.74 24.63
CA LEU C 295 -11.03 -15.81 25.55
C LEU C 295 -10.29 -17.11 25.21
N LEU C 296 -10.25 -17.46 23.93
CA LEU C 296 -9.56 -18.68 23.52
C LEU C 296 -8.09 -18.63 23.90
N GLY C 297 -7.42 -17.52 23.57
CA GLY C 297 -6.01 -17.37 23.90
C GLY C 297 -5.76 -17.31 25.39
N GLN C 298 -6.65 -16.64 26.12
CA GLN C 298 -6.51 -16.53 27.57
C GLN C 298 -6.63 -17.93 28.19
N THR C 299 -7.69 -18.64 27.79
CA THR C 299 -7.93 -19.98 28.27
C THR C 299 -6.82 -20.95 27.88
N SER C 300 -6.34 -20.83 26.66
CA SER C 300 -5.27 -21.72 26.19
C SER C 300 -4.06 -21.68 27.10
N VAL C 301 -3.63 -20.48 27.49
CA VAL C 301 -2.46 -20.36 28.34
C VAL C 301 -2.76 -20.93 29.72
N ASP C 302 -3.85 -20.50 30.32
CA ASP C 302 -4.20 -21.01 31.64
C ASP C 302 -4.20 -22.53 31.62
N ARG C 303 -4.85 -23.10 30.61
CA ARG C 303 -4.94 -24.55 30.46
C ARG C 303 -3.59 -25.22 30.26
N LEU C 304 -2.76 -24.68 29.40
CA LEU C 304 -1.47 -25.31 29.16
C LEU C 304 -0.64 -25.33 30.44
N LEU C 305 -0.81 -24.32 31.28
CA LEU C 305 -0.05 -24.26 32.52
C LEU C 305 -0.58 -25.31 33.50
N GLN C 306 -1.90 -25.42 33.61
CA GLN C 306 -2.51 -26.41 34.49
C GLN C 306 -1.96 -27.78 34.10
N LEU C 307 -2.01 -28.08 32.81
CA LEU C 307 -1.51 -29.35 32.32
C LEU C 307 -0.06 -29.55 32.71
N SER C 308 0.74 -28.50 32.54
CA SER C 308 2.16 -28.55 32.88
C SER C 308 2.33 -28.93 34.34
N GLN C 309 1.32 -28.60 35.15
CA GLN C 309 1.34 -28.90 36.58
C GLN C 309 0.60 -30.21 36.88
N GLY C 310 0.54 -31.10 35.90
CA GLY C 310 -0.13 -32.37 36.08
C GLY C 310 -1.56 -32.26 36.62
N GLN C 311 -2.19 -31.10 36.43
CA GLN C 311 -3.56 -30.92 36.90
C GLN C 311 -4.48 -31.79 36.03
N ALA C 312 -5.44 -32.46 36.66
CA ALA C 312 -6.36 -33.34 35.93
C ALA C 312 -7.42 -32.59 35.12
N VAL C 313 -7.01 -32.10 33.96
CA VAL C 313 -7.89 -31.35 33.06
C VAL C 313 -7.68 -31.77 31.61
N LYS C 314 -7.38 -33.05 31.41
CA LYS C 314 -7.14 -33.62 30.09
C LYS C 314 -8.41 -33.64 29.26
N GLY C 315 -8.25 -33.74 27.93
CA GLY C 315 -9.42 -33.81 27.09
C GLY C 315 -9.71 -32.66 26.16
N ASN C 316 -10.98 -32.52 25.80
CA ASN C 316 -11.42 -31.47 24.91
C ASN C 316 -12.39 -30.54 25.61
N GLN C 317 -12.19 -29.25 25.38
CA GLN C 317 -13.03 -28.22 25.96
C GLN C 317 -13.69 -27.44 24.84
N LEU C 318 -14.93 -27.07 25.08
CA LEU C 318 -15.71 -26.32 24.11
C LEU C 318 -15.96 -24.93 24.66
N LEU C 319 -15.66 -23.90 23.86
CA LEU C 319 -15.87 -22.51 24.27
C LEU C 319 -17.20 -22.03 23.70
N PRO C 320 -17.95 -21.23 24.48
CA PRO C 320 -19.25 -20.74 24.01
C PRO C 320 -19.13 -19.75 22.86
N VAL C 321 -20.21 -19.59 22.11
CA VAL C 321 -20.26 -18.64 21.01
C VAL C 321 -21.64 -18.03 21.12
N SER C 322 -21.98 -17.08 20.26
CA SER C 322 -23.31 -16.48 20.34
C SER C 322 -23.67 -15.84 19.03
N LEU C 323 -24.96 -15.62 18.84
CA LEU C 323 -25.43 -15.01 17.62
C LEU C 323 -25.51 -13.49 17.75
N VAL C 324 -24.90 -12.78 16.81
CA VAL C 324 -24.94 -11.32 16.83
C VAL C 324 -25.87 -10.91 15.68
N LYS C 325 -27.07 -10.47 16.03
CA LYS C 325 -28.04 -10.07 15.02
C LYS C 325 -27.75 -8.67 14.51
N ARG C 326 -27.54 -8.56 13.21
CA ARG C 326 -27.26 -7.28 12.60
C ARG C 326 -28.28 -7.02 11.47
N LYS C 327 -27.85 -6.55 10.31
CA LYS C 327 -28.82 -6.22 9.25
C LYS C 327 -28.83 -7.11 8.02
N THR C 328 -27.94 -8.09 7.95
CA THR C 328 -27.90 -8.95 6.77
C THR C 328 -28.98 -10.04 6.76
N THR C 329 -29.69 -10.20 7.87
CA THR C 329 -30.76 -11.20 7.90
C THR C 329 -32.12 -10.54 8.16
N LYS D 2 14.96 -35.97 32.13
CA LYS D 2 16.08 -35.21 31.50
C LYS D 2 16.31 -35.69 30.07
N PRO D 3 15.97 -34.86 29.07
CA PRO D 3 16.11 -35.15 27.64
C PRO D 3 17.46 -35.76 27.27
N VAL D 4 17.48 -36.48 26.15
CA VAL D 4 18.71 -37.10 25.68
C VAL D 4 19.83 -36.08 25.54
N THR D 5 20.96 -36.35 26.19
CA THR D 5 22.12 -35.47 26.18
C THR D 5 23.08 -35.82 25.04
N LEU D 6 24.08 -34.98 24.82
CA LEU D 6 25.08 -35.21 23.79
C LEU D 6 25.95 -36.35 24.32
N TYR D 7 25.93 -36.52 25.64
CA TYR D 7 26.68 -37.56 26.33
C TYR D 7 26.02 -38.92 26.09
N ASP D 8 24.70 -38.94 26.13
CA ASP D 8 23.94 -40.17 25.93
C ASP D 8 24.23 -40.79 24.57
N VAL D 9 24.46 -39.96 23.56
CA VAL D 9 24.77 -40.45 22.23
C VAL D 9 26.23 -40.90 22.17
N ALA D 10 27.05 -40.33 23.05
CA ALA D 10 28.47 -40.66 23.11
C ALA D 10 28.72 -42.15 23.33
N GLU D 11 28.06 -42.74 24.32
CA GLU D 11 28.24 -44.16 24.59
C GLU D 11 27.36 -45.04 23.72
N TYR D 12 26.22 -44.50 23.29
CA TYR D 12 25.29 -45.25 22.45
C TYR D 12 25.83 -45.24 21.02
N ALA D 13 27.09 -44.86 20.87
CA ALA D 13 27.75 -44.81 19.57
C ALA D 13 29.23 -45.11 19.72
N GLY D 14 29.69 -45.24 20.96
CA GLY D 14 31.08 -45.55 21.23
C GLY D 14 32.06 -44.41 21.01
N VAL D 15 31.57 -43.17 21.00
CA VAL D 15 32.42 -42.00 20.80
C VAL D 15 32.34 -41.07 22.00
N SER D 16 32.93 -39.87 21.87
CA SER D 16 32.90 -38.89 22.95
C SER D 16 31.88 -37.81 22.61
N TYR D 17 31.70 -36.86 23.52
CA TYR D 17 30.75 -35.79 23.30
C TYR D 17 31.16 -34.88 22.15
N GLN D 18 32.47 -34.74 21.94
CA GLN D 18 32.99 -33.89 20.88
C GLN D 18 32.75 -34.51 19.50
N THR D 19 32.95 -35.81 19.40
CA THR D 19 32.74 -36.51 18.13
C THR D 19 31.33 -36.22 17.66
N VAL D 20 30.38 -36.42 18.57
CA VAL D 20 28.98 -36.18 18.26
C VAL D 20 28.78 -34.71 17.88
N SER D 21 29.42 -33.83 18.64
CA SER D 21 29.33 -32.40 18.39
C SER D 21 29.72 -32.11 16.94
N ARG D 22 30.84 -32.69 16.52
CA ARG D 22 31.32 -32.51 15.15
C ARG D 22 30.23 -32.90 14.17
N VAL D 23 29.72 -34.11 14.31
CA VAL D 23 28.67 -34.61 13.44
C VAL D 23 27.43 -33.70 13.44
N VAL D 24 27.02 -33.24 14.62
CA VAL D 24 25.86 -32.37 14.74
C VAL D 24 26.08 -31.06 13.99
N ASN D 25 27.29 -30.51 14.09
CA ASN D 25 27.62 -29.26 13.44
C ASN D 25 28.18 -29.44 12.03
N GLN D 26 28.01 -30.64 11.47
CA GLN D 26 28.49 -30.91 10.11
C GLN D 26 29.97 -30.57 10.05
N ALA D 27 30.67 -30.81 11.15
CA ALA D 27 32.10 -30.51 11.26
C ALA D 27 33.00 -31.09 10.16
N SER D 28 34.25 -30.66 10.19
CA SER D 28 35.26 -31.09 9.23
C SER D 28 36.20 -32.04 9.96
N HIS D 29 36.46 -33.20 9.34
CA HIS D 29 37.34 -34.23 9.91
C HIS D 29 36.62 -35.24 10.79
N VAL D 30 35.75 -36.02 10.16
CA VAL D 30 34.98 -37.07 10.85
C VAL D 30 35.55 -38.41 10.40
N SER D 31 35.30 -39.46 11.18
CA SER D 31 35.81 -40.78 10.82
C SER D 31 35.06 -41.41 9.66
N ALA D 32 34.60 -40.57 8.74
CA ALA D 32 33.86 -41.03 7.57
C ALA D 32 32.68 -41.90 7.97
N LYS D 33 32.94 -43.19 8.14
CA LYS D 33 31.92 -44.14 8.54
C LYS D 33 31.48 -43.84 9.98
N THR D 34 32.38 -43.21 10.74
CA THR D 34 32.10 -42.87 12.13
C THR D 34 30.85 -42.00 12.23
N ARG D 35 30.74 -40.98 11.37
CA ARG D 35 29.56 -40.12 11.40
C ARG D 35 28.32 -40.93 11.04
N GLU D 36 28.49 -41.91 10.16
CA GLU D 36 27.39 -42.76 9.74
C GLU D 36 26.80 -43.47 10.97
N LYS D 37 27.69 -43.90 11.85
CA LYS D 37 27.30 -44.59 13.08
C LYS D 37 26.67 -43.62 14.09
N VAL D 38 27.32 -42.49 14.33
CA VAL D 38 26.83 -41.49 15.27
C VAL D 38 25.43 -41.00 14.91
N GLU D 39 25.23 -40.61 13.65
CA GLU D 39 23.93 -40.14 13.20
C GLU D 39 22.85 -41.18 13.50
N ALA D 40 23.18 -42.44 13.25
CA ALA D 40 22.24 -43.52 13.51
C ALA D 40 21.94 -43.59 15.01
N ALA D 41 22.97 -43.36 15.82
CA ALA D 41 22.85 -43.40 17.27
C ALA D 41 21.89 -42.34 17.81
N MET D 42 22.01 -41.11 17.31
CA MET D 42 21.13 -40.03 17.75
C MET D 42 19.75 -40.13 17.12
N ALA D 43 19.68 -40.78 15.96
CA ALA D 43 18.42 -40.95 15.27
C ALA D 43 17.51 -41.87 16.10
N GLU D 44 18.08 -42.97 16.59
CA GLU D 44 17.34 -43.93 17.38
C GLU D 44 16.98 -43.42 18.77
N LEU D 45 17.71 -42.42 19.24
CA LEU D 45 17.46 -41.84 20.56
C LEU D 45 16.61 -40.58 20.49
N ASN D 46 16.19 -40.21 19.28
CA ASN D 46 15.40 -39.01 19.09
C ASN D 46 16.11 -37.86 19.80
N TYR D 47 17.28 -37.53 19.30
CA TYR D 47 18.09 -36.45 19.88
C TYR D 47 17.80 -35.09 19.26
N ILE D 48 17.53 -34.11 20.12
CA ILE D 48 17.26 -32.74 19.68
C ILE D 48 18.18 -31.81 20.46
N PRO D 49 19.23 -31.29 19.80
CA PRO D 49 20.19 -30.39 20.41
C PRO D 49 19.56 -29.25 21.20
N ASN D 50 19.91 -29.15 22.48
CA ASN D 50 19.39 -28.10 23.35
C ASN D 50 19.96 -26.74 22.92
N ARG D 51 19.22 -26.03 22.05
CA ARG D 51 19.66 -24.73 21.56
C ARG D 51 20.08 -23.78 22.67
N VAL D 52 19.41 -23.88 23.82
CA VAL D 52 19.74 -23.01 24.95
C VAL D 52 21.21 -23.16 25.32
N ALA D 53 21.66 -24.40 25.38
CA ALA D 53 23.06 -24.70 25.73
C ALA D 53 23.99 -24.33 24.60
N GLN D 54 23.55 -24.55 23.36
CA GLN D 54 24.37 -24.22 22.20
C GLN D 54 24.68 -22.72 22.14
N GLN D 55 23.67 -21.90 22.39
CA GLN D 55 23.86 -20.46 22.38
C GLN D 55 24.87 -20.04 23.45
N LEU D 56 24.63 -20.49 24.69
CA LEU D 56 25.51 -20.14 25.80
C LEU D 56 26.95 -20.58 25.53
N ALA D 57 27.11 -21.78 25.00
CA ALA D 57 28.43 -22.32 24.70
C ALA D 57 29.18 -21.47 23.69
N GLY D 58 28.47 -20.57 23.02
CA GLY D 58 29.12 -19.70 22.05
C GLY D 58 28.75 -19.90 20.59
N LYS D 59 27.87 -20.84 20.30
CA LYS D 59 27.45 -21.08 18.91
C LYS D 59 26.92 -19.80 18.29
N GLN D 60 27.63 -19.29 17.29
CA GLN D 60 27.25 -18.06 16.62
C GLN D 60 25.99 -18.26 15.76
N SER D 61 24.84 -17.86 16.30
CA SER D 61 23.57 -17.97 15.58
C SER D 61 22.85 -16.62 15.47
N LEU D 62 22.33 -16.31 14.27
CA LEU D 62 21.65 -15.04 14.07
C LEU D 62 20.21 -15.03 14.58
N LEU D 63 20.04 -14.49 15.78
CA LEU D 63 18.73 -14.41 16.45
C LEU D 63 18.20 -12.97 16.48
N ILE D 64 17.15 -12.74 15.68
CA ILE D 64 16.50 -11.43 15.55
C ILE D 64 15.40 -11.21 16.58
N GLY D 65 15.48 -10.08 17.29
CA GLY D 65 14.47 -9.76 18.29
C GLY D 65 13.48 -8.79 17.66
N VAL D 66 12.22 -8.85 18.08
CA VAL D 66 11.22 -7.95 17.53
C VAL D 66 10.26 -7.40 18.57
N ALA D 67 10.28 -6.08 18.73
CA ALA D 67 9.39 -5.41 19.66
C ALA D 67 8.30 -4.88 18.74
N THR D 68 7.06 -5.22 19.02
CA THR D 68 5.98 -4.81 18.12
C THR D 68 4.71 -4.40 18.83
N SER D 69 3.87 -3.68 18.09
CA SER D 69 2.57 -3.26 18.61
C SER D 69 1.73 -4.55 18.60
N SER D 70 0.60 -4.54 19.29
CA SER D 70 -0.27 -5.70 19.35
C SER D 70 -0.47 -6.39 18.00
N LEU D 71 -0.33 -7.71 18.00
CA LEU D 71 -0.50 -8.49 16.78
C LEU D 71 -1.97 -8.55 16.43
N ALA D 72 -2.82 -8.00 17.30
CA ALA D 72 -4.25 -7.98 17.02
C ALA D 72 -4.55 -6.93 15.95
N LEU D 73 -3.55 -6.14 15.59
CA LEU D 73 -3.75 -5.09 14.59
C LEU D 73 -3.27 -5.61 13.27
N HIS D 74 -3.95 -5.22 12.21
CA HIS D 74 -3.62 -5.68 10.88
C HIS D 74 -2.17 -5.57 10.45
N ALA D 75 -1.69 -4.36 10.20
CA ALA D 75 -0.32 -4.20 9.70
C ALA D 75 0.76 -4.91 10.52
N PRO D 76 0.74 -4.77 11.85
CA PRO D 76 1.75 -5.44 12.69
C PRO D 76 1.76 -6.96 12.47
N SER D 77 0.59 -7.57 12.45
CA SER D 77 0.51 -9.02 12.24
C SER D 77 1.06 -9.36 10.86
N GLN D 78 0.71 -8.57 9.85
CA GLN D 78 1.21 -8.83 8.50
C GLN D 78 2.71 -8.72 8.45
N ILE D 79 3.25 -7.74 9.18
CA ILE D 79 4.67 -7.49 9.21
C ILE D 79 5.45 -8.58 9.94
N VAL D 80 5.00 -8.95 11.13
CA VAL D 80 5.70 -10.00 11.87
C VAL D 80 5.72 -11.28 11.04
N ALA D 81 4.61 -11.57 10.36
CA ALA D 81 4.50 -12.75 9.52
C ALA D 81 5.56 -12.75 8.43
N ALA D 82 5.69 -11.63 7.73
CA ALA D 82 6.69 -11.56 6.67
C ALA D 82 8.10 -11.59 7.28
N ILE D 83 8.23 -11.13 8.51
CA ILE D 83 9.54 -11.14 9.17
C ILE D 83 9.92 -12.59 9.46
N LYS D 84 9.07 -13.30 10.21
CA LYS D 84 9.32 -14.69 10.54
C LYS D 84 9.50 -15.50 9.26
N SER D 85 8.67 -15.24 8.27
CA SER D 85 8.80 -15.96 7.02
C SER D 85 10.19 -15.80 6.42
N ARG D 86 10.61 -14.55 6.20
CA ARG D 86 11.92 -14.29 5.60
C ARG D 86 13.09 -14.75 6.48
N ALA D 87 12.92 -14.71 7.79
CA ALA D 87 13.97 -15.17 8.68
C ALA D 87 14.14 -16.69 8.56
N ASP D 88 13.02 -17.42 8.48
CA ASP D 88 13.07 -18.88 8.36
C ASP D 88 13.80 -19.21 7.07
N GLN D 89 13.50 -18.44 6.03
CA GLN D 89 14.10 -18.63 4.73
C GLN D 89 15.60 -18.34 4.72
N LEU D 90 16.09 -17.60 5.72
CA LEU D 90 17.52 -17.27 5.79
C LEU D 90 18.21 -18.06 6.90
N GLY D 91 17.48 -18.99 7.50
CA GLY D 91 18.05 -19.78 8.56
C GLY D 91 18.27 -18.95 9.80
N ALA D 92 17.49 -17.88 9.94
CA ALA D 92 17.61 -17.00 11.10
C ALA D 92 16.44 -17.27 12.02
N SER D 93 16.68 -17.13 13.31
CA SER D 93 15.64 -17.37 14.30
C SER D 93 15.00 -16.03 14.68
N VAL D 94 13.77 -16.06 15.20
CA VAL D 94 13.09 -14.83 15.57
C VAL D 94 12.26 -14.93 16.83
N VAL D 95 12.56 -14.08 17.80
CA VAL D 95 11.79 -14.03 19.04
C VAL D 95 11.10 -12.67 19.04
N VAL D 96 9.84 -12.60 19.45
CA VAL D 96 9.15 -11.32 19.43
C VAL D 96 8.49 -10.96 20.74
N SER D 97 8.69 -9.70 21.14
CA SER D 97 8.12 -9.20 22.37
C SER D 97 7.01 -8.24 21.98
N MET D 98 5.79 -8.57 22.37
CA MET D 98 4.65 -7.75 22.03
C MET D 98 4.41 -6.69 23.10
N VAL D 99 4.30 -5.44 22.67
CA VAL D 99 4.06 -4.34 23.60
C VAL D 99 2.60 -3.93 23.53
N GLU D 100 1.89 -4.04 24.65
CA GLU D 100 0.48 -3.68 24.67
C GLU D 100 0.25 -2.35 25.37
N ARG D 101 0.86 -2.18 26.54
CA ARG D 101 0.73 -0.94 27.27
C ARG D 101 1.27 0.17 26.37
N SER D 102 0.61 1.32 26.38
CA SER D 102 1.06 2.45 25.57
C SER D 102 2.15 3.16 26.37
N GLY D 103 3.23 3.55 25.69
CA GLY D 103 4.29 4.24 26.39
C GLY D 103 5.69 3.77 26.04
N VAL D 104 6.66 4.62 26.29
CA VAL D 104 8.07 4.33 26.00
C VAL D 104 8.65 3.35 27.00
N GLU D 105 8.12 3.36 28.22
CA GLU D 105 8.61 2.45 29.24
C GLU D 105 8.27 1.03 28.83
N ALA D 106 7.04 0.84 28.33
CA ALA D 106 6.59 -0.46 27.89
C ALA D 106 7.50 -0.95 26.78
N CYS D 107 7.81 -0.08 25.82
CA CYS D 107 8.67 -0.45 24.72
C CYS D 107 10.08 -0.72 25.21
N LYS D 108 10.49 -0.01 26.25
CA LYS D 108 11.82 -0.23 26.80
C LYS D 108 11.83 -1.58 27.52
N THR D 109 10.75 -1.89 28.22
CA THR D 109 10.64 -3.17 28.92
C THR D 109 10.82 -4.27 27.87
N ALA D 110 10.12 -4.12 26.76
CA ALA D 110 10.18 -5.08 25.68
C ALA D 110 11.58 -5.24 25.15
N VAL D 111 12.28 -4.13 24.93
CA VAL D 111 13.65 -4.19 24.43
C VAL D 111 14.55 -4.85 25.46
N HIS D 112 14.26 -4.62 26.74
CA HIS D 112 15.06 -5.20 27.82
C HIS D 112 15.05 -6.72 27.70
N ASN D 113 13.86 -7.31 27.65
CA ASN D 113 13.72 -8.75 27.54
C ASN D 113 14.39 -9.31 26.28
N LEU D 114 14.17 -8.65 25.16
CA LEU D 114 14.77 -9.08 23.91
C LEU D 114 16.29 -9.12 24.05
N LEU D 115 16.82 -8.17 24.81
CA LEU D 115 18.26 -8.08 25.04
C LEU D 115 18.71 -9.22 25.95
N ALA D 116 17.87 -9.54 26.94
CA ALA D 116 18.15 -10.61 27.86
C ALA D 116 18.33 -11.91 27.11
N GLN D 117 17.58 -12.08 26.02
CA GLN D 117 17.68 -13.29 25.22
C GLN D 117 18.86 -13.22 24.29
N ARG D 118 19.70 -12.22 24.50
CA ARG D 118 20.90 -12.01 23.71
C ARG D 118 20.69 -12.09 22.20
N VAL D 119 19.75 -11.30 21.69
CA VAL D 119 19.47 -11.26 20.27
C VAL D 119 20.63 -10.56 19.58
N SER D 120 20.84 -10.84 18.30
CA SER D 120 21.94 -10.21 17.59
C SER D 120 21.49 -8.92 16.89
N GLY D 121 20.23 -8.57 17.08
CA GLY D 121 19.69 -7.36 16.47
C GLY D 121 18.21 -7.17 16.81
N LEU D 122 17.74 -5.92 16.77
CA LEU D 122 16.36 -5.63 17.08
C LEU D 122 15.61 -4.94 15.93
N ILE D 123 14.32 -5.27 15.82
CA ILE D 123 13.45 -4.65 14.84
C ILE D 123 12.34 -4.09 15.72
N ILE D 124 12.25 -2.77 15.79
CA ILE D 124 11.25 -2.13 16.61
C ILE D 124 10.11 -1.64 15.71
N ASN D 125 8.95 -2.28 15.85
CA ASN D 125 7.79 -1.89 15.08
C ASN D 125 6.81 -1.39 16.12
N TYR D 126 7.11 -0.21 16.64
CA TYR D 126 6.30 0.40 17.67
C TYR D 126 6.41 1.92 17.52
N PRO D 127 5.29 2.63 17.57
CA PRO D 127 5.28 4.09 17.42
C PRO D 127 6.19 4.81 18.44
N LEU D 128 7.23 5.46 17.93
CA LEU D 128 8.18 6.15 18.80
C LEU D 128 8.52 7.58 18.35
N ASP D 129 8.34 8.56 19.25
CA ASP D 129 8.72 9.93 18.91
C ASP D 129 10.24 9.93 18.83
N ASP D 130 10.81 10.92 18.15
CA ASP D 130 12.26 11.02 17.96
C ASP D 130 13.19 10.76 19.16
N GLN D 131 12.98 11.46 20.27
CA GLN D 131 13.87 11.25 21.39
C GLN D 131 13.68 9.89 22.04
N ASP D 132 12.43 9.43 22.07
CA ASP D 132 12.13 8.12 22.63
C ASP D 132 12.82 7.05 21.77
N ALA D 133 12.73 7.20 20.45
CA ALA D 133 13.38 6.27 19.54
C ALA D 133 14.90 6.27 19.79
N ILE D 134 15.48 7.46 19.90
CA ILE D 134 16.91 7.60 20.14
C ILE D 134 17.29 6.95 21.48
N ALA D 135 16.42 7.09 22.45
CA ALA D 135 16.65 6.50 23.77
C ALA D 135 16.69 4.98 23.62
N VAL D 136 15.63 4.41 23.03
CA VAL D 136 15.54 2.97 22.81
C VAL D 136 16.78 2.50 22.06
N GLU D 137 17.10 3.19 20.98
CA GLU D 137 18.27 2.87 20.19
C GLU D 137 19.50 2.79 21.08
N ALA D 138 19.58 3.70 22.04
CA ALA D 138 20.72 3.74 22.95
C ALA D 138 20.74 2.55 23.90
N ALA D 139 19.57 2.12 24.37
CA ALA D 139 19.48 0.99 25.29
C ALA D 139 19.93 -0.31 24.64
N CYS D 140 19.88 -0.37 23.32
CA CYS D 140 20.28 -1.56 22.59
C CYS D 140 21.78 -1.76 22.68
N THR D 141 22.21 -2.13 23.88
CA THR D 141 23.61 -2.37 24.20
C THR D 141 24.40 -3.10 23.11
N ASN D 142 25.13 -2.36 22.28
CA ASN D 142 25.99 -2.94 21.24
C ASN D 142 25.29 -3.56 20.02
N VAL D 143 24.02 -3.94 20.15
CA VAL D 143 23.30 -4.55 19.03
C VAL D 143 22.55 -3.57 18.16
N PRO D 144 22.58 -3.78 16.82
CA PRO D 144 21.89 -2.90 15.88
C PRO D 144 20.37 -2.90 16.02
N ALA D 145 19.77 -1.74 15.79
CA ALA D 145 18.32 -1.61 15.87
C ALA D 145 17.79 -0.97 14.58
N LEU D 146 16.66 -1.49 14.11
CA LEU D 146 16.01 -1.00 12.90
C LEU D 146 14.60 -0.61 13.31
N PHE D 147 14.16 0.59 12.93
CA PHE D 147 12.82 1.06 13.31
C PHE D 147 11.85 1.11 12.14
N LEU D 148 10.60 0.74 12.39
CA LEU D 148 9.58 0.73 11.34
C LEU D 148 8.42 1.68 11.62
N ASP D 149 8.38 2.28 12.81
CA ASP D 149 7.30 3.21 13.10
C ASP D 149 7.84 4.53 13.71
N VAL D 150 8.72 5.17 12.95
CA VAL D 150 9.28 6.45 13.33
C VAL D 150 9.19 7.33 12.09
N SER D 151 9.51 8.61 12.27
CA SER D 151 9.48 9.56 11.17
C SER D 151 10.73 9.33 10.33
N ASP D 152 10.66 9.73 9.07
CA ASP D 152 11.81 9.63 8.17
C ASP D 152 12.86 10.60 8.66
N GLN D 153 12.45 11.53 9.52
CA GLN D 153 13.34 12.54 10.08
C GLN D 153 14.05 12.08 11.35
N THR D 154 13.78 10.86 11.81
CA THR D 154 14.43 10.41 13.03
C THR D 154 15.84 9.98 12.69
N PRO D 155 16.82 10.40 13.51
CA PRO D 155 18.22 10.03 13.23
C PRO D 155 18.59 8.63 13.71
N ILE D 156 18.05 7.62 13.05
CA ILE D 156 18.33 6.21 13.38
C ILE D 156 18.05 5.34 12.18
N ASN D 157 18.39 4.06 12.26
CA ASN D 157 18.14 3.15 11.14
C ASN D 157 16.65 2.86 11.07
N SER D 158 16.08 3.02 9.89
CA SER D 158 14.66 2.81 9.77
C SER D 158 14.22 2.44 8.36
N ILE D 159 13.02 1.85 8.28
CA ILE D 159 12.43 1.51 6.98
C ILE D 159 10.95 1.80 7.10
N ILE D 160 10.45 2.65 6.23
CA ILE D 160 9.03 2.99 6.24
C ILE D 160 8.55 3.19 4.84
N PHE D 161 7.25 3.13 4.66
CA PHE D 161 6.69 3.34 3.35
C PHE D 161 6.73 4.84 3.09
N SER D 162 6.89 5.21 1.83
CA SER D 162 6.93 6.61 1.47
C SER D 162 5.56 7.27 1.63
N HIS D 163 5.30 7.83 2.80
CA HIS D 163 4.04 8.51 3.07
C HIS D 163 3.92 9.69 2.12
N GLU D 164 5.07 10.25 1.76
CA GLU D 164 5.12 11.37 0.86
C GLU D 164 4.44 10.94 -0.46
N ASP D 165 4.83 9.78 -0.98
CA ASP D 165 4.26 9.28 -2.23
C ASP D 165 2.80 8.86 -2.09
N GLY D 166 2.45 8.26 -0.97
CA GLY D 166 1.08 7.81 -0.75
C GLY D 166 0.06 8.91 -0.68
N THR D 167 0.36 9.93 0.12
CA THR D 167 -0.54 11.05 0.29
C THR D 167 -0.60 11.88 -0.99
N ARG D 168 0.51 12.01 -1.68
CA ARG D 168 0.51 12.79 -2.91
C ARG D 168 -0.41 12.07 -3.91
N LEU D 169 -0.19 10.76 -4.07
CA LEU D 169 -0.99 9.93 -4.97
C LEU D 169 -2.47 10.13 -4.66
N GLY D 170 -2.82 10.06 -3.39
CA GLY D 170 -4.20 10.23 -3.00
C GLY D 170 -4.72 11.60 -3.37
N VAL D 171 -4.03 12.64 -2.92
CA VAL D 171 -4.43 14.00 -3.19
C VAL D 171 -4.48 14.30 -4.69
N GLU D 172 -3.43 13.95 -5.41
CA GLU D 172 -3.43 14.23 -6.83
C GLU D 172 -4.56 13.51 -7.56
N HIS D 173 -4.94 12.34 -7.06
CA HIS D 173 -6.01 11.58 -7.69
C HIS D 173 -7.34 12.32 -7.51
N LEU D 174 -7.62 12.74 -6.28
CA LEU D 174 -8.86 13.44 -6.01
C LEU D 174 -8.92 14.74 -6.79
N VAL D 175 -7.77 15.44 -6.87
CA VAL D 175 -7.70 16.70 -7.60
C VAL D 175 -7.95 16.49 -9.08
N ALA D 176 -7.28 15.52 -9.70
CA ALA D 176 -7.50 15.29 -11.11
C ALA D 176 -8.98 14.99 -11.37
N LEU D 177 -9.68 14.47 -10.37
CA LEU D 177 -11.10 14.15 -10.52
C LEU D 177 -11.93 15.40 -10.32
N GLY D 178 -11.25 16.51 -10.01
CA GLY D 178 -11.92 17.77 -9.80
C GLY D 178 -12.46 18.06 -8.41
N HIS D 179 -12.04 17.30 -7.41
CA HIS D 179 -12.53 17.54 -6.06
C HIS D 179 -11.87 18.75 -5.40
N GLN D 180 -12.65 19.51 -4.63
CA GLN D 180 -12.12 20.68 -3.94
C GLN D 180 -12.59 20.67 -2.50
N GLN D 181 -13.74 20.08 -2.24
CA GLN D 181 -14.29 19.97 -0.89
C GLN D 181 -13.85 18.59 -0.38
N ILE D 182 -12.71 18.56 0.30
CA ILE D 182 -12.12 17.32 0.79
C ILE D 182 -11.98 17.25 2.30
N ALA D 183 -12.41 16.15 2.91
CA ALA D 183 -12.30 15.96 4.35
C ALA D 183 -11.18 14.96 4.63
N LEU D 184 -10.59 15.03 5.81
CA LEU D 184 -9.51 14.13 6.16
C LEU D 184 -9.86 13.35 7.42
N LEU D 185 -9.68 12.04 7.35
CA LEU D 185 -9.94 11.16 8.47
C LEU D 185 -8.60 10.49 8.74
N ALA D 186 -7.94 10.92 9.80
CA ALA D 186 -6.61 10.40 10.15
C ALA D 186 -6.61 9.33 11.20
N GLY D 187 -5.50 8.62 11.28
CA GLY D 187 -5.35 7.57 12.26
C GLY D 187 -5.13 8.24 13.61
N PRO D 188 -4.95 7.46 14.68
CA PRO D 188 -4.75 8.08 15.99
C PRO D 188 -3.44 8.88 16.02
N LEU D 189 -3.51 10.12 16.51
CA LEU D 189 -2.34 10.99 16.58
C LEU D 189 -1.18 10.41 17.40
N SER D 190 -1.47 9.44 18.26
CA SER D 190 -0.42 8.81 19.04
C SER D 190 0.44 7.93 18.14
N SER D 191 0.04 7.77 16.89
CA SER D 191 0.76 6.95 15.93
C SER D 191 1.61 7.81 14.98
N VAL D 192 2.90 7.53 14.94
CA VAL D 192 3.80 8.27 14.08
C VAL D 192 3.34 8.16 12.64
N SER D 193 3.04 6.94 12.21
CA SER D 193 2.62 6.68 10.85
C SER D 193 1.37 7.47 10.50
N ALA D 194 0.45 7.55 11.45
CA ALA D 194 -0.78 8.33 11.24
C ALA D 194 -0.43 9.80 10.99
N ARG D 195 0.43 10.34 11.87
CA ARG D 195 0.84 11.72 11.76
C ARG D 195 1.56 11.98 10.45
N LEU D 196 2.39 11.05 10.00
CA LEU D 196 3.11 11.26 8.76
C LEU D 196 2.14 11.38 7.60
N ARG D 197 1.07 10.58 7.62
CA ARG D 197 0.09 10.62 6.54
C ARG D 197 -0.69 11.91 6.62
N LEU D 198 -1.06 12.31 7.84
CA LEU D 198 -1.80 13.55 8.01
C LEU D 198 -0.98 14.70 7.39
N ALA D 199 0.29 14.75 7.77
CA ALA D 199 1.21 15.77 7.27
C ALA D 199 1.29 15.72 5.76
N GLY D 200 1.39 14.52 5.23
CA GLY D 200 1.49 14.38 3.79
C GLY D 200 0.29 14.95 3.06
N TRP D 201 -0.90 14.74 3.60
CA TRP D 201 -2.09 15.24 2.96
C TRP D 201 -2.08 16.77 2.97
N HIS D 202 -1.78 17.34 4.13
CA HIS D 202 -1.74 18.78 4.26
C HIS D 202 -0.71 19.34 3.27
N LYS D 203 0.45 18.72 3.24
CA LYS D 203 1.45 19.20 2.33
C LYS D 203 0.93 19.27 0.90
N TYR D 204 0.46 18.16 0.36
CA TYR D 204 0.01 18.18 -1.03
C TYR D 204 -1.31 18.88 -1.29
N LEU D 205 -2.17 18.97 -0.28
CA LEU D 205 -3.42 19.67 -0.49
C LEU D 205 -3.05 21.16 -0.64
N THR D 206 -2.10 21.61 0.20
CA THR D 206 -1.62 22.99 0.16
C THR D 206 -1.03 23.33 -1.21
N ARG D 207 -0.21 22.43 -1.76
CA ARG D 207 0.37 22.68 -3.06
C ARG D 207 -0.67 22.76 -4.16
N ASN D 208 -1.92 22.45 -3.83
CA ASN D 208 -2.97 22.51 -4.83
C ASN D 208 -3.99 23.54 -4.39
N GLN D 209 -3.57 24.38 -3.46
CA GLN D 209 -4.41 25.46 -2.93
C GLN D 209 -5.76 24.96 -2.47
N ILE D 210 -5.74 23.91 -1.68
CA ILE D 210 -6.97 23.34 -1.14
C ILE D 210 -6.82 23.26 0.38
N GLN D 211 -7.92 23.51 1.08
CA GLN D 211 -7.90 23.43 2.53
C GLN D 211 -8.98 22.44 2.92
N PRO D 212 -8.61 21.38 3.63
CA PRO D 212 -9.64 20.42 4.01
C PRO D 212 -10.82 21.09 4.70
N ILE D 213 -12.04 20.75 4.32
CA ILE D 213 -13.19 21.34 4.97
C ILE D 213 -13.50 20.63 6.27
N ALA D 214 -12.72 19.60 6.59
CA ALA D 214 -12.90 18.84 7.84
C ALA D 214 -11.67 17.99 8.06
N GLU D 215 -11.41 17.65 9.32
CA GLU D 215 -10.25 16.86 9.66
C GLU D 215 -10.49 16.16 10.99
N ARG D 216 -10.80 14.86 10.94
CA ARG D 216 -11.09 14.10 12.15
C ARG D 216 -10.03 13.03 12.44
N GLU D 217 -10.06 12.50 13.65
CA GLU D 217 -9.10 11.49 14.06
C GLU D 217 -9.82 10.21 14.51
N GLY D 218 -9.41 9.08 13.94
CA GLY D 218 -9.99 7.82 14.34
C GLY D 218 -8.93 7.04 15.10
N ASP D 219 -9.13 5.73 15.24
CA ASP D 219 -8.17 4.90 15.97
C ASP D 219 -7.80 3.65 15.16
N TRP D 220 -8.01 3.72 13.85
CA TRP D 220 -7.67 2.63 12.94
C TRP D 220 -8.83 1.67 12.70
N SER D 221 -9.75 1.63 13.64
CA SER D 221 -10.91 0.74 13.54
C SER D 221 -12.01 1.31 12.65
N ALA D 222 -12.74 0.40 11.99
CA ALA D 222 -13.84 0.79 11.10
C ALA D 222 -14.93 1.54 11.87
N MET D 223 -15.12 1.17 13.14
CA MET D 223 -16.15 1.81 13.93
C MET D 223 -15.79 3.29 14.11
N SER D 224 -14.51 3.57 14.33
CA SER D 224 -14.09 4.96 14.49
C SER D 224 -14.35 5.68 13.17
N GLY D 225 -14.05 5.02 12.06
CA GLY D 225 -14.29 5.63 10.76
C GLY D 225 -15.77 5.94 10.58
N PHE D 226 -16.61 5.06 11.07
CA PHE D 226 -18.06 5.23 10.96
C PHE D 226 -18.55 6.39 11.81
N GLN D 227 -18.15 6.37 13.08
CA GLN D 227 -18.53 7.40 14.03
C GLN D 227 -18.04 8.79 13.64
N GLN D 228 -16.76 8.89 13.30
CA GLN D 228 -16.21 10.18 12.92
C GLN D 228 -16.91 10.73 11.70
N THR D 229 -17.11 9.90 10.68
CA THR D 229 -17.77 10.38 9.48
C THR D 229 -19.23 10.70 9.72
N MET D 230 -19.83 10.13 10.76
CA MET D 230 -21.23 10.40 11.07
C MET D 230 -21.31 11.76 11.74
N GLN D 231 -20.43 12.01 12.72
CA GLN D 231 -20.42 13.29 13.42
C GLN D 231 -20.20 14.39 12.40
N MET D 232 -19.26 14.19 11.49
CA MET D 232 -18.97 15.16 10.45
C MET D 232 -20.21 15.49 9.64
N LEU D 233 -20.90 14.46 9.16
CA LEU D 233 -22.09 14.66 8.35
C LEU D 233 -23.24 15.26 9.18
N ASN D 234 -23.30 14.91 10.46
CA ASN D 234 -24.35 15.45 11.29
C ASN D 234 -24.14 16.93 11.56
N GLU D 235 -22.90 17.39 11.43
CA GLU D 235 -22.60 18.80 11.64
C GLU D 235 -22.85 19.55 10.35
N GLY D 236 -23.48 18.89 9.38
CA GLY D 236 -23.77 19.56 8.12
C GLY D 236 -22.60 19.68 7.16
N ILE D 237 -21.41 19.26 7.60
CA ILE D 237 -20.23 19.31 6.74
C ILE D 237 -20.24 18.11 5.80
N VAL D 238 -20.56 18.31 4.54
CA VAL D 238 -20.60 17.19 3.61
C VAL D 238 -19.68 17.43 2.42
N PRO D 239 -18.47 16.83 2.45
CA PRO D 239 -17.45 16.94 1.40
C PRO D 239 -17.82 16.14 0.16
N THR D 240 -16.99 16.19 -0.86
CA THR D 240 -17.26 15.42 -2.07
C THR D 240 -16.22 14.31 -2.19
N ALA D 241 -15.30 14.27 -1.24
CA ALA D 241 -14.26 13.26 -1.24
C ALA D 241 -13.58 13.21 0.12
N MET D 242 -13.12 12.02 0.51
CA MET D 242 -12.43 11.84 1.79
C MET D 242 -11.15 11.04 1.62
N LEU D 243 -10.11 11.45 2.35
CA LEU D 243 -8.84 10.73 2.34
C LEU D 243 -8.84 10.12 3.74
N VAL D 244 -8.73 8.79 3.80
CA VAL D 244 -8.77 8.08 5.09
C VAL D 244 -7.44 7.37 5.31
N ALA D 245 -6.97 7.42 6.56
CA ALA D 245 -5.67 6.84 6.94
C ALA D 245 -5.48 5.34 6.71
N ASN D 246 -6.56 4.58 6.60
CA ASN D 246 -6.45 3.14 6.33
C ASN D 246 -7.77 2.58 5.81
N ASP D 247 -7.69 1.41 5.19
CA ASP D 247 -8.87 0.75 4.62
C ASP D 247 -9.97 0.46 5.63
N GLN D 248 -9.62 0.06 6.83
CA GLN D 248 -10.66 -0.22 7.79
C GLN D 248 -11.50 1.01 8.15
N MET D 249 -10.86 2.16 8.36
CA MET D 249 -11.65 3.35 8.67
C MET D 249 -12.43 3.75 7.41
N ALA D 250 -11.83 3.58 6.25
CA ALA D 250 -12.52 3.92 5.03
C ALA D 250 -13.83 3.12 4.99
N LEU D 251 -13.77 1.86 5.45
CA LEU D 251 -14.96 1.01 5.48
C LEU D 251 -16.01 1.68 6.33
N GLY D 252 -15.63 2.09 7.53
CA GLY D 252 -16.60 2.75 8.39
C GLY D 252 -17.14 4.03 7.75
N ALA D 253 -16.28 4.78 7.06
CA ALA D 253 -16.70 6.01 6.43
C ALA D 253 -17.76 5.69 5.40
N MET D 254 -17.45 4.69 4.56
CA MET D 254 -18.37 4.28 3.51
C MET D 254 -19.73 3.87 4.11
N ARG D 255 -19.72 3.21 5.26
CA ARG D 255 -20.96 2.81 5.88
C ARG D 255 -21.76 4.06 6.22
N ALA D 256 -21.11 5.01 6.88
CA ALA D 256 -21.74 6.26 7.29
C ALA D 256 -22.28 7.00 6.07
N ILE D 257 -21.46 7.13 5.05
CA ILE D 257 -21.91 7.80 3.85
C ILE D 257 -23.17 7.16 3.32
N THR D 258 -23.13 5.84 3.16
CA THR D 258 -24.25 5.09 2.62
C THR D 258 -25.49 5.14 3.48
N GLU D 259 -25.35 4.95 4.77
CA GLU D 259 -26.50 5.00 5.65
C GLU D 259 -27.05 6.41 5.78
N SER D 260 -26.44 7.36 5.08
CA SER D 260 -26.88 8.76 5.10
C SER D 260 -27.66 9.12 3.84
N GLY D 261 -27.79 8.17 2.92
CA GLY D 261 -28.52 8.44 1.70
C GLY D 261 -27.63 8.90 0.58
N LEU D 262 -26.33 8.95 0.83
CA LEU D 262 -25.38 9.37 -0.17
C LEU D 262 -24.70 8.17 -0.79
N ARG D 263 -24.29 8.30 -2.05
CA ARG D 263 -23.62 7.23 -2.77
C ARG D 263 -22.10 7.35 -2.75
N VAL D 264 -21.43 6.36 -2.14
CA VAL D 264 -19.98 6.39 -2.12
C VAL D 264 -19.52 6.42 -3.57
N GLY D 265 -18.63 7.35 -3.88
CA GLY D 265 -18.14 7.49 -5.23
C GLY D 265 -18.85 8.65 -5.91
N ALA D 266 -20.09 8.40 -6.33
CA ALA D 266 -20.90 9.42 -7.01
C ALA D 266 -21.14 10.68 -6.17
N ASP D 267 -21.44 10.54 -4.88
CA ASP D 267 -21.68 11.73 -4.07
C ASP D 267 -20.44 12.09 -3.25
N ILE D 268 -19.90 11.11 -2.53
CA ILE D 268 -18.69 11.34 -1.75
C ILE D 268 -17.65 10.28 -2.08
N SER D 269 -16.60 10.67 -2.79
CA SER D 269 -15.53 9.73 -3.13
C SER D 269 -14.74 9.40 -1.87
N VAL D 270 -14.08 8.26 -1.87
CA VAL D 270 -13.28 7.86 -0.71
C VAL D 270 -12.00 7.18 -1.14
N VAL D 271 -10.93 7.45 -0.40
CA VAL D 271 -9.63 6.85 -0.69
C VAL D 271 -9.13 6.30 0.63
N GLY D 272 -8.65 5.05 0.61
CA GLY D 272 -8.17 4.45 1.83
C GLY D 272 -6.66 4.31 1.82
N TYR D 273 -6.14 3.53 2.76
CA TYR D 273 -4.70 3.36 2.85
C TYR D 273 -4.39 1.93 3.36
N ASP D 274 -3.49 1.23 2.66
CA ASP D 274 -3.03 -0.15 2.98
C ASP D 274 -3.16 -1.09 1.80
N ASP D 275 -4.36 -1.11 1.23
CA ASP D 275 -4.76 -2.00 0.17
C ASP D 275 -4.84 -3.40 0.78
N THR D 276 -5.57 -3.53 1.88
CA THR D 276 -5.72 -4.82 2.53
C THR D 276 -6.47 -5.74 1.60
N GLU D 277 -6.39 -7.05 1.86
CA GLU D 277 -7.06 -8.06 1.05
C GLU D 277 -8.55 -7.81 0.92
N ASP D 278 -9.20 -7.52 2.04
CA ASP D 278 -10.64 -7.23 2.03
C ASP D 278 -11.06 -6.00 1.21
N SER D 279 -10.21 -4.98 1.15
CA SER D 279 -10.56 -3.76 0.44
C SER D 279 -11.06 -3.97 -0.98
N SER D 280 -10.62 -5.02 -1.64
CA SER D 280 -11.07 -5.27 -3.00
C SER D 280 -12.53 -5.76 -3.06
N CYS D 281 -13.11 -6.06 -1.90
CA CYS D 281 -14.48 -6.53 -1.85
C CYS D 281 -15.44 -5.68 -1.02
N TYR D 282 -15.09 -4.41 -0.81
CA TYR D 282 -15.98 -3.52 -0.08
C TYR D 282 -17.08 -3.12 -1.07
N ILE D 283 -18.16 -2.54 -0.57
CA ILE D 283 -19.27 -2.12 -1.42
C ILE D 283 -19.33 -0.59 -1.51
N PRO D 284 -18.77 0.00 -2.57
CA PRO D 284 -18.08 -0.61 -3.72
C PRO D 284 -16.59 -0.76 -3.45
N PRO D 285 -15.88 -1.55 -4.28
CA PRO D 285 -14.44 -1.76 -4.12
C PRO D 285 -13.71 -0.44 -3.85
N LEU D 286 -12.92 -0.44 -2.78
CA LEU D 286 -12.17 0.70 -2.30
C LEU D 286 -10.87 1.09 -3.02
N THR D 287 -10.82 2.32 -3.51
CA THR D 287 -9.62 2.85 -4.14
C THR D 287 -8.70 3.09 -2.94
N THR D 288 -7.45 2.67 -3.05
CA THR D 288 -6.57 2.79 -1.91
C THR D 288 -5.08 2.89 -2.27
N ILE D 289 -4.25 3.06 -1.25
CA ILE D 289 -2.82 3.16 -1.46
C ILE D 289 -2.25 1.84 -0.99
N LYS D 290 -1.55 1.16 -1.88
CA LYS D 290 -0.97 -0.13 -1.56
C LYS D 290 0.35 -0.09 -0.78
N GLN D 291 0.34 -0.74 0.37
CA GLN D 291 1.53 -0.87 1.22
C GLN D 291 1.85 -2.35 1.30
N ASP D 292 2.86 -2.78 0.55
CA ASP D 292 3.28 -4.17 0.52
C ASP D 292 3.97 -4.63 1.79
N PHE D 293 3.19 -5.10 2.75
CA PHE D 293 3.73 -5.55 4.02
C PHE D 293 4.73 -6.69 3.90
N ARG D 294 4.54 -7.59 2.93
CA ARG D 294 5.50 -8.68 2.76
C ARG D 294 6.86 -8.07 2.51
N LEU D 295 6.90 -7.10 1.59
CA LEU D 295 8.14 -6.42 1.24
C LEU D 295 8.78 -5.74 2.45
N LEU D 296 7.97 -5.09 3.27
CA LEU D 296 8.52 -4.42 4.44
C LEU D 296 9.21 -5.43 5.37
N GLY D 297 8.53 -6.53 5.69
CA GLY D 297 9.10 -7.55 6.55
C GLY D 297 10.33 -8.22 5.92
N GLN D 298 10.24 -8.53 4.63
CA GLN D 298 11.36 -9.16 3.93
C GLN D 298 12.59 -8.26 3.99
N THR D 299 12.38 -7.00 3.63
CA THR D 299 13.45 -6.00 3.64
C THR D 299 13.98 -5.76 5.04
N SER D 300 13.10 -5.71 6.04
CA SER D 300 13.54 -5.49 7.40
C SER D 300 14.55 -6.52 7.87
N VAL D 301 14.29 -7.79 7.59
CA VAL D 301 15.20 -8.85 8.00
C VAL D 301 16.52 -8.73 7.26
N ASP D 302 16.48 -8.66 5.94
CA ASP D 302 17.70 -8.53 5.14
C ASP D 302 18.54 -7.38 5.67
N ARG D 303 17.88 -6.26 5.95
CA ARG D 303 18.54 -5.06 6.44
C ARG D 303 19.13 -5.22 7.83
N LEU D 304 18.39 -5.84 8.74
CA LEU D 304 18.90 -6.01 10.09
C LEU D 304 20.13 -6.91 10.06
N LEU D 305 20.15 -7.87 9.16
CA LEU D 305 21.29 -8.76 9.06
C LEU D 305 22.50 -8.03 8.50
N GLN D 306 22.28 -7.21 7.48
CA GLN D 306 23.38 -6.43 6.89
C GLN D 306 24.01 -5.57 7.97
N LEU D 307 23.17 -4.89 8.75
CA LEU D 307 23.64 -4.04 9.83
C LEU D 307 24.45 -4.87 10.81
N SER D 308 23.94 -6.03 11.16
CA SER D 308 24.60 -6.93 12.10
C SER D 308 26.00 -7.24 11.60
N GLN D 309 26.17 -7.22 10.29
CA GLN D 309 27.46 -7.50 9.67
C GLN D 309 28.23 -6.21 9.38
N GLY D 310 27.96 -5.17 10.15
CA GLY D 310 28.64 -3.89 9.96
C GLY D 310 28.63 -3.36 8.55
N GLN D 311 27.66 -3.77 7.75
CA GLN D 311 27.55 -3.29 6.37
C GLN D 311 27.12 -1.82 6.43
N ALA D 312 27.73 -0.98 5.60
CA ALA D 312 27.40 0.46 5.57
C ALA D 312 26.07 0.76 4.92
N VAL D 313 24.98 0.55 5.67
CA VAL D 313 23.62 0.79 5.17
C VAL D 313 22.78 1.50 6.24
N LYS D 314 23.42 2.36 7.02
CA LYS D 314 22.78 3.11 8.09
C LYS D 314 21.81 4.15 7.56
N GLY D 315 20.88 4.59 8.40
CA GLY D 315 19.95 5.62 7.97
C GLY D 315 18.49 5.25 7.81
N ASN D 316 17.79 6.02 6.98
CA ASN D 316 16.39 5.78 6.72
C ASN D 316 16.15 5.35 5.29
N GLN D 317 15.28 4.37 5.13
CA GLN D 317 14.94 3.85 3.81
C GLN D 317 13.45 4.02 3.58
N LEU D 318 13.08 4.39 2.36
CA LEU D 318 11.70 4.58 2.01
C LEU D 318 11.27 3.49 1.05
N LEU D 319 10.15 2.84 1.34
CA LEU D 319 9.63 1.78 0.47
C LEU D 319 8.56 2.35 -0.44
N PRO D 320 8.52 1.89 -1.68
CA PRO D 320 7.51 2.41 -2.60
C PRO D 320 6.08 2.03 -2.24
N VAL D 321 5.13 2.79 -2.78
CA VAL D 321 3.71 2.53 -2.58
C VAL D 321 3.08 2.86 -3.93
N SER D 322 1.80 2.59 -4.08
CA SER D 322 1.18 2.88 -5.36
C SER D 322 -0.31 3.06 -5.19
N LEU D 323 -0.95 3.70 -6.17
CA LEU D 323 -2.37 3.92 -6.09
C LEU D 323 -3.12 2.76 -6.74
N VAL D 324 -4.12 2.23 -6.05
CA VAL D 324 -4.92 1.15 -6.58
C VAL D 324 -6.31 1.72 -6.86
N LYS D 325 -6.60 2.00 -8.13
CA LYS D 325 -7.89 2.56 -8.51
C LYS D 325 -8.99 1.52 -8.49
N ARG D 326 -10.03 1.80 -7.72
CA ARG D 326 -11.13 0.89 -7.65
C ARG D 326 -12.45 1.63 -7.98
N LYS D 327 -13.48 1.50 -7.18
CA LYS D 327 -14.75 2.16 -7.49
C LYS D 327 -15.20 3.29 -6.56
N THR D 328 -14.50 3.51 -5.46
CA THR D 328 -14.91 4.54 -4.53
C THR D 328 -14.61 5.98 -4.94
N THR D 329 -13.93 6.16 -6.06
CA THR D 329 -13.62 7.49 -6.56
C THR D 329 -14.08 7.55 -8.02
N LEU D 330 -15.24 6.97 -8.29
CA LEU D 330 -15.77 6.95 -9.65
C LEU D 330 -16.99 7.83 -9.86
N ALA D 331 -17.10 8.36 -11.08
CA ALA D 331 -18.18 9.27 -11.50
C ALA D 331 -17.84 10.58 -10.82
N ASN E 46 -12.41 66.37 -48.72
CA ASN E 46 -12.22 64.96 -48.42
C ASN E 46 -10.77 64.56 -48.68
N TYR E 47 -9.89 65.08 -47.82
CA TYR E 47 -8.45 64.80 -47.94
C TYR E 47 -8.01 63.60 -47.13
N ILE E 48 -7.28 62.70 -47.80
CA ILE E 48 -6.74 61.51 -47.16
C ILE E 48 -5.26 61.44 -47.49
N PRO E 49 -4.40 61.66 -46.48
CA PRO E 49 -2.94 61.63 -46.61
C PRO E 49 -2.41 60.37 -47.28
N ASN E 50 -1.73 60.54 -48.43
CA ASN E 50 -1.15 59.43 -49.17
C ASN E 50 -0.01 58.79 -48.37
N ARG E 51 -0.35 57.84 -47.49
CA ARG E 51 0.64 57.16 -46.67
C ARG E 51 1.89 56.72 -47.44
N VAL E 52 1.70 56.34 -48.71
CA VAL E 52 2.82 55.89 -49.53
C VAL E 52 3.88 56.97 -49.60
N ALA E 53 3.44 58.20 -49.82
CA ALA E 53 4.34 59.34 -49.90
C ALA E 53 4.89 59.67 -48.51
N GLN E 54 4.04 59.58 -47.49
CA GLN E 54 4.45 59.87 -46.12
C GLN E 54 5.61 58.98 -45.67
N GLN E 55 5.50 57.68 -45.97
CA GLN E 55 6.56 56.74 -45.58
C GLN E 55 7.86 57.10 -46.30
N LEU E 56 7.79 57.24 -47.62
CA LEU E 56 8.96 57.58 -48.43
C LEU E 56 9.62 58.87 -47.94
N ALA E 57 8.80 59.87 -47.62
CA ALA E 57 9.31 61.15 -47.15
C ALA E 57 10.06 61.01 -45.83
N GLY E 58 9.98 59.84 -45.20
CA GLY E 58 10.69 59.63 -43.95
C GLY E 58 9.85 59.52 -42.69
N LYS E 59 8.53 59.69 -42.82
CA LYS E 59 7.64 59.60 -41.66
C LYS E 59 7.90 58.30 -40.91
N GLN E 60 8.42 58.42 -39.69
CA GLN E 60 8.74 57.26 -38.86
C GLN E 60 7.48 56.53 -38.37
N SER E 61 7.05 55.54 -39.14
CA SER E 61 5.87 54.76 -38.80
C SER E 61 6.27 53.30 -38.60
N LEU E 62 6.21 52.85 -37.35
CA LEU E 62 6.56 51.48 -37.03
C LEU E 62 5.64 50.51 -37.79
N LEU E 63 6.16 49.96 -38.88
CA LEU E 63 5.42 49.04 -39.73
C LEU E 63 5.93 47.59 -39.56
N ILE E 64 5.11 46.77 -38.90
CA ILE E 64 5.41 45.37 -38.63
C ILE E 64 5.02 44.43 -39.76
N GLY E 65 5.95 43.60 -40.19
CA GLY E 65 5.68 42.64 -41.26
C GLY E 65 5.37 41.29 -40.62
N VAL E 66 4.53 40.49 -41.26
CA VAL E 66 4.18 39.18 -40.72
C VAL E 66 4.11 38.10 -41.77
N ALA E 67 4.97 37.10 -41.64
CA ALA E 67 4.98 35.96 -42.55
C ALA E 67 4.25 34.89 -41.73
N THR E 68 3.19 34.32 -42.29
CA THR E 68 2.40 33.36 -41.55
C THR E 68 1.90 32.19 -42.36
N SER E 69 1.51 31.13 -41.65
CA SER E 69 0.94 29.94 -42.27
C SER E 69 -0.47 30.39 -42.66
N SER E 70 -1.12 29.61 -43.52
CA SER E 70 -2.46 29.92 -43.98
C SER E 70 -3.38 30.37 -42.86
N LEU E 71 -4.10 31.46 -43.11
CA LEU E 71 -5.04 31.99 -42.12
C LEU E 71 -6.26 31.11 -42.07
N ALA E 72 -6.32 30.12 -42.94
CA ALA E 72 -7.44 29.20 -42.92
C ALA E 72 -7.28 28.28 -41.71
N LEU E 73 -6.12 28.33 -41.05
CA LEU E 73 -5.86 27.48 -39.90
C LEU E 73 -6.20 28.22 -38.63
N HIS E 74 -6.74 27.50 -37.66
CA HIS E 74 -7.16 28.12 -36.42
C HIS E 74 -6.15 29.03 -35.70
N ALA E 75 -5.11 28.44 -35.11
CA ALA E 75 -4.15 29.23 -34.36
C ALA E 75 -3.57 30.43 -35.13
N PRO E 76 -3.15 30.20 -36.38
CA PRO E 76 -2.60 31.33 -37.14
C PRO E 76 -3.59 32.50 -37.23
N SER E 77 -4.85 32.20 -37.58
CA SER E 77 -5.84 33.28 -37.69
C SER E 77 -6.01 33.96 -36.33
N GLN E 78 -6.06 33.19 -35.25
CA GLN E 78 -6.21 33.80 -33.93
C GLN E 78 -5.02 34.70 -33.61
N ILE E 79 -3.82 34.25 -34.01
CA ILE E 79 -2.60 34.99 -33.74
C ILE E 79 -2.50 36.27 -34.56
N VAL E 80 -2.77 36.18 -35.86
CA VAL E 80 -2.70 37.40 -36.67
C VAL E 80 -3.70 38.43 -36.11
N ALA E 81 -4.88 37.96 -35.71
CA ALA E 81 -5.92 38.84 -35.16
C ALA E 81 -5.40 39.58 -33.95
N ALA E 82 -4.81 38.86 -33.01
CA ALA E 82 -4.29 39.51 -31.81
C ALA E 82 -3.11 40.41 -32.17
N ILE E 83 -2.39 40.10 -33.23
CA ILE E 83 -1.26 40.93 -33.63
C ILE E 83 -1.80 42.27 -34.15
N LYS E 84 -2.66 42.21 -35.17
CA LYS E 84 -3.26 43.41 -35.75
C LYS E 84 -3.96 44.21 -34.64
N SER E 85 -4.67 43.51 -33.78
CA SER E 85 -5.37 44.18 -32.70
C SER E 85 -4.41 45.00 -31.84
N ARG E 86 -3.37 44.34 -31.31
CA ARG E 86 -2.40 45.02 -30.45
C ARG E 86 -1.61 46.11 -31.20
N ALA E 87 -1.34 45.88 -32.48
CA ALA E 87 -0.61 46.87 -33.26
C ALA E 87 -1.46 48.14 -33.45
N ASP E 88 -2.76 47.96 -33.69
CA ASP E 88 -3.66 49.09 -33.87
C ASP E 88 -3.66 49.89 -32.57
N GLN E 89 -3.69 49.16 -31.46
CA GLN E 89 -3.70 49.77 -30.14
C GLN E 89 -2.42 50.52 -29.81
N LEU E 90 -1.34 50.24 -30.54
CA LEU E 90 -0.06 50.91 -30.29
C LEU E 90 0.24 51.89 -31.41
N GLY E 91 -0.73 52.09 -32.28
CA GLY E 91 -0.53 53.00 -33.39
C GLY E 91 0.50 52.46 -34.36
N ALA E 92 0.64 51.14 -34.39
CA ALA E 92 1.57 50.50 -35.31
C ALA E 92 0.81 49.90 -36.47
N SER E 93 1.42 49.90 -37.64
CA SER E 93 0.79 49.35 -38.83
C SER E 93 1.23 47.90 -39.02
N VAL E 94 0.44 47.10 -39.73
CA VAL E 94 0.79 45.70 -39.94
C VAL E 94 0.45 45.17 -41.33
N VAL E 95 1.46 44.70 -42.04
CA VAL E 95 1.24 44.11 -43.36
C VAL E 95 1.58 42.63 -43.19
N VAL E 96 0.79 41.73 -43.78
CA VAL E 96 1.07 40.31 -43.61
C VAL E 96 1.17 39.53 -44.90
N SER E 97 2.20 38.70 -44.99
CA SER E 97 2.40 37.86 -46.16
C SER E 97 2.06 36.45 -45.77
N MET E 98 1.07 35.88 -46.45
CA MET E 98 0.63 34.54 -46.14
C MET E 98 1.39 33.53 -46.99
N VAL E 99 1.96 32.52 -46.34
CA VAL E 99 2.72 31.51 -47.05
C VAL E 99 1.85 30.25 -47.16
N GLU E 100 1.58 29.82 -48.38
CA GLU E 100 0.77 28.62 -48.58
C GLU E 100 1.62 27.44 -49.01
N ARG E 101 2.50 27.66 -49.97
CA ARG E 101 3.38 26.60 -50.42
C ARG E 101 4.21 26.15 -49.23
N SER E 102 4.43 24.84 -49.12
CA SER E 102 5.24 24.31 -48.03
C SER E 102 6.70 24.44 -48.44
N GLY E 103 7.55 24.89 -47.52
CA GLY E 103 8.95 25.02 -47.86
C GLY E 103 9.59 26.30 -47.38
N VAL E 104 10.91 26.27 -47.28
CA VAL E 104 11.69 27.42 -46.83
C VAL E 104 11.78 28.50 -47.88
N GLU E 105 11.75 28.08 -49.14
CA GLU E 105 11.81 29.03 -50.24
C GLU E 105 10.57 29.92 -50.20
N ALA E 106 9.42 29.29 -50.00
CA ALA E 106 8.16 29.99 -49.91
C ALA E 106 8.22 31.02 -48.78
N CYS E 107 8.74 30.61 -47.63
CA CYS E 107 8.84 31.51 -46.49
C CYS E 107 9.83 32.63 -46.80
N LYS E 108 10.87 32.30 -47.57
CA LYS E 108 11.88 33.27 -47.93
C LYS E 108 11.26 34.27 -48.89
N THR E 109 10.45 33.77 -49.83
CA THR E 109 9.77 34.64 -50.78
C THR E 109 8.94 35.63 -49.97
N ALA E 110 8.21 35.12 -49.00
CA ALA E 110 7.36 35.94 -48.14
C ALA E 110 8.17 37.00 -47.41
N VAL E 111 9.32 36.63 -46.87
CA VAL E 111 10.14 37.59 -46.16
C VAL E 111 10.70 38.64 -47.12
N HIS E 112 10.97 38.22 -48.35
CA HIS E 112 11.50 39.12 -49.37
C HIS E 112 10.52 40.28 -49.60
N ASN E 113 9.26 39.94 -49.86
CA ASN E 113 8.21 40.94 -50.09
C ASN E 113 8.02 41.85 -48.88
N LEU E 114 7.97 41.27 -47.70
CA LEU E 114 7.80 42.05 -46.48
C LEU E 114 8.94 43.06 -46.36
N LEU E 115 10.13 42.65 -46.79
CA LEU E 115 11.32 43.50 -46.73
C LEU E 115 11.18 44.62 -47.76
N ALA E 116 10.67 44.27 -48.93
CA ALA E 116 10.47 45.24 -50.00
C ALA E 116 9.57 46.38 -49.50
N GLN E 117 8.60 46.07 -48.66
CA GLN E 117 7.71 47.08 -48.14
C GLN E 117 8.38 47.85 -47.02
N ARG E 118 9.68 47.62 -46.86
CA ARG E 118 10.48 48.28 -45.85
C ARG E 118 9.85 48.28 -44.46
N VAL E 119 9.55 47.08 -43.95
CA VAL E 119 8.98 46.93 -42.62
C VAL E 119 10.09 47.19 -41.60
N SER E 120 9.72 47.61 -40.40
CA SER E 120 10.73 47.89 -39.38
C SER E 120 11.01 46.64 -38.54
N GLY E 121 10.34 45.54 -38.85
CA GLY E 121 10.51 44.31 -38.12
C GLY E 121 9.66 43.18 -38.66
N LEU E 122 10.05 41.94 -38.42
CA LEU E 122 9.29 40.80 -38.90
C LEU E 122 8.84 39.88 -37.77
N ILE E 123 7.70 39.25 -37.97
CA ILE E 123 7.18 38.26 -37.04
C ILE E 123 6.91 37.10 -37.96
N ILE E 124 7.67 36.02 -37.77
CA ILE E 124 7.54 34.84 -38.61
C ILE E 124 6.78 33.76 -37.86
N ASN E 125 5.53 33.52 -38.28
CA ASN E 125 4.71 32.49 -37.67
C ASN E 125 4.59 31.42 -38.73
N TYR E 126 5.67 30.69 -38.93
CA TYR E 126 5.73 29.65 -39.94
C TYR E 126 6.71 28.59 -39.46
N PRO E 127 6.34 27.30 -39.56
CA PRO E 127 7.20 26.19 -39.12
C PRO E 127 8.58 26.19 -39.80
N LEU E 128 9.62 26.36 -39.00
CA LEU E 128 10.98 26.42 -39.51
C LEU E 128 11.98 25.59 -38.73
N ASP E 129 12.73 24.73 -39.42
CA ASP E 129 13.76 23.94 -38.74
C ASP E 129 14.87 24.94 -38.38
N ASP E 130 15.72 24.57 -37.42
CA ASP E 130 16.78 25.47 -36.96
C ASP E 130 17.60 26.22 -38.00
N GLN E 131 18.19 25.50 -38.95
CA GLN E 131 19.01 26.18 -39.93
C GLN E 131 18.21 27.07 -40.88
N ASP E 132 17.01 26.62 -41.24
CA ASP E 132 16.13 27.40 -42.10
C ASP E 132 15.74 28.69 -41.35
N ALA E 133 15.41 28.56 -40.07
CA ALA E 133 15.07 29.73 -39.27
C ALA E 133 16.26 30.69 -39.28
N ILE E 134 17.46 30.17 -39.03
CA ILE E 134 18.66 30.98 -38.99
C ILE E 134 18.90 31.64 -40.36
N ALA E 135 18.62 30.91 -41.42
CA ALA E 135 18.77 31.46 -42.77
C ALA E 135 17.83 32.65 -42.94
N VAL E 136 16.54 32.43 -42.65
CA VAL E 136 15.52 33.48 -42.75
C VAL E 136 15.94 34.67 -41.91
N GLU E 137 16.29 34.41 -40.66
CA GLU E 137 16.73 35.46 -39.77
C GLU E 137 17.84 36.26 -40.44
N ALA E 138 18.72 35.57 -41.16
CA ALA E 138 19.84 36.23 -41.82
C ALA E 138 19.39 37.09 -42.99
N ALA E 139 18.37 36.63 -43.73
CA ALA E 139 17.86 37.38 -44.87
C ALA E 139 17.23 38.71 -44.45
N CYS E 140 16.79 38.79 -43.20
CA CYS E 140 16.16 40.01 -42.69
C CYS E 140 17.15 41.14 -42.56
N THR E 141 17.59 41.63 -43.70
CA THR E 141 18.57 42.70 -43.81
C THR E 141 18.40 43.82 -42.79
N ASN E 142 19.19 43.79 -41.73
CA ASN E 142 19.17 44.83 -40.70
C ASN E 142 17.94 44.91 -39.78
N VAL E 143 16.81 44.34 -40.19
CA VAL E 143 15.60 44.39 -39.35
C VAL E 143 15.43 43.19 -38.43
N PRO E 144 14.97 43.44 -37.20
CA PRO E 144 14.76 42.37 -36.21
C PRO E 144 13.66 41.38 -36.60
N ALA E 145 13.86 40.11 -36.23
CA ALA E 145 12.90 39.06 -36.53
C ALA E 145 12.54 38.30 -35.26
N LEU E 146 11.25 37.99 -35.11
CA LEU E 146 10.74 37.25 -33.96
C LEU E 146 10.04 36.02 -34.52
N PHE E 147 10.36 34.84 -34.00
CA PHE E 147 9.78 33.60 -34.50
C PHE E 147 8.77 33.01 -33.52
N LEU E 148 7.70 32.42 -34.06
CA LEU E 148 6.65 31.82 -33.23
C LEU E 148 6.46 30.33 -33.52
N ASP E 149 7.14 29.80 -34.54
CA ASP E 149 7.01 28.38 -34.82
C ASP E 149 8.37 27.72 -35.04
N VAL E 150 9.19 27.80 -34.00
CA VAL E 150 10.52 27.19 -34.00
C VAL E 150 10.65 26.52 -32.64
N SER E 151 11.72 25.74 -32.49
CA SER E 151 12.00 25.08 -31.23
C SER E 151 12.53 26.09 -30.25
N ASP E 152 12.41 25.79 -28.96
CA ASP E 152 12.95 26.67 -27.93
C ASP E 152 14.47 26.60 -28.02
N GLN E 153 14.98 25.59 -28.73
CA GLN E 153 16.42 25.40 -28.90
C GLN E 153 17.00 26.15 -30.08
N THR E 154 16.18 26.85 -30.83
CA THR E 154 16.71 27.57 -31.98
C THR E 154 17.41 28.83 -31.51
N PRO E 155 18.59 29.12 -32.06
CA PRO E 155 19.31 30.32 -31.63
C PRO E 155 18.84 31.61 -32.30
N ILE E 156 17.63 32.04 -31.98
CA ILE E 156 17.06 33.28 -32.53
C ILE E 156 16.00 33.80 -31.59
N ASN E 157 15.47 34.97 -31.89
CA ASN E 157 14.43 35.54 -31.05
C ASN E 157 13.15 34.78 -31.32
N SER E 158 12.47 34.38 -30.25
CA SER E 158 11.27 33.60 -30.40
C SER E 158 10.36 33.65 -29.19
N ILE E 159 9.09 33.35 -29.43
CA ILE E 159 8.11 33.29 -28.36
C ILE E 159 7.23 32.10 -28.69
N ILE E 160 7.11 31.19 -27.74
CA ILE E 160 6.28 30.02 -27.94
C ILE E 160 5.65 29.62 -26.62
N PHE E 161 4.62 28.78 -26.71
CA PHE E 161 4.00 28.34 -25.48
C PHE E 161 4.89 27.24 -24.91
N SER E 162 4.85 27.10 -23.59
CA SER E 162 5.65 26.10 -22.93
C SER E 162 5.11 24.70 -23.18
N HIS E 163 5.56 24.08 -24.27
CA HIS E 163 5.14 22.72 -24.58
C HIS E 163 5.53 21.80 -23.45
N GLU E 164 6.62 22.15 -22.77
CA GLU E 164 7.11 21.39 -21.65
C GLU E 164 6.04 21.33 -20.58
N ASP E 165 5.43 22.48 -20.29
CA ASP E 165 4.37 22.56 -19.29
C ASP E 165 3.06 21.92 -19.76
N GLY E 166 2.75 22.11 -21.05
CA GLY E 166 1.52 21.57 -21.60
C GLY E 166 1.45 20.05 -21.60
N THR E 167 2.52 19.42 -22.09
CA THR E 167 2.59 17.97 -22.16
C THR E 167 2.71 17.35 -20.78
N ARG E 168 3.41 18.02 -19.88
CA ARG E 168 3.54 17.49 -18.52
C ARG E 168 2.17 17.50 -17.87
N LEU E 169 1.48 18.63 -17.98
CA LEU E 169 0.14 18.79 -17.43
C LEU E 169 -0.77 17.67 -17.94
N GLY E 170 -0.71 17.42 -19.25
CA GLY E 170 -1.52 16.36 -19.81
C GLY E 170 -1.15 14.99 -19.28
N VAL E 171 0.13 14.65 -19.37
CA VAL E 171 0.60 13.35 -18.88
C VAL E 171 0.35 13.17 -17.40
N GLU E 172 0.70 14.16 -16.60
CA GLU E 172 0.49 14.02 -15.17
C GLU E 172 -0.98 13.89 -14.81
N HIS E 173 -1.85 14.47 -15.61
CA HIS E 173 -3.28 14.41 -15.36
C HIS E 173 -3.78 12.98 -15.61
N LEU E 174 -3.39 12.41 -16.74
CA LEU E 174 -3.80 11.04 -17.05
C LEU E 174 -3.22 10.06 -16.03
N VAL E 175 -1.97 10.29 -15.60
CA VAL E 175 -1.33 9.41 -14.62
C VAL E 175 -2.07 9.49 -13.29
N ALA E 176 -2.34 10.70 -12.83
CA ALA E 176 -3.04 10.87 -11.56
C ALA E 176 -4.40 10.17 -11.60
N LEU E 177 -4.94 10.01 -12.79
CA LEU E 177 -6.23 9.35 -12.94
C LEU E 177 -6.05 7.85 -12.99
N GLY E 178 -4.79 7.41 -13.01
CA GLY E 178 -4.49 5.99 -13.04
C GLY E 178 -4.39 5.34 -14.40
N HIS E 179 -4.15 6.11 -15.45
CA HIS E 179 -4.03 5.53 -16.79
C HIS E 179 -2.62 5.03 -17.02
N GLN E 180 -2.49 3.93 -17.74
CA GLN E 180 -1.18 3.37 -18.06
C GLN E 180 -1.14 3.02 -19.54
N GLN E 181 -2.30 2.65 -20.09
CA GLN E 181 -2.43 2.32 -21.50
C GLN E 181 -2.79 3.62 -22.21
N ILE E 182 -1.77 4.33 -22.68
CA ILE E 182 -1.96 5.63 -23.31
C ILE E 182 -1.51 5.66 -24.77
N ALA E 183 -2.31 6.25 -25.64
CA ALA E 183 -1.96 6.37 -27.05
C ALA E 183 -1.64 7.84 -27.32
N LEU E 184 -0.90 8.12 -28.39
CA LEU E 184 -0.55 9.49 -28.73
C LEU E 184 -0.95 9.81 -30.16
N LEU E 185 -1.69 10.91 -30.32
CA LEU E 185 -2.11 11.34 -31.65
C LEU E 185 -1.46 12.72 -31.82
N ALA E 186 -0.41 12.79 -32.63
CA ALA E 186 0.33 14.04 -32.84
C ALA E 186 -0.05 14.80 -34.08
N GLY E 187 0.37 16.06 -34.11
CA GLY E 187 0.11 16.90 -35.26
C GLY E 187 1.04 16.46 -36.38
N PRO E 188 0.97 17.10 -37.55
CA PRO E 188 1.86 16.71 -38.65
C PRO E 188 3.32 16.95 -38.28
N LEU E 189 4.17 15.96 -38.52
CA LEU E 189 5.58 16.06 -38.18
C LEU E 189 6.30 17.20 -38.89
N SER E 190 5.71 17.73 -39.95
CA SER E 190 6.32 18.85 -40.66
C SER E 190 6.16 20.13 -39.83
N SER E 191 5.44 20.01 -38.72
CA SER E 191 5.21 21.16 -37.83
C SER E 191 6.12 21.12 -36.61
N VAL E 192 6.91 22.17 -36.40
CA VAL E 192 7.79 22.22 -35.25
C VAL E 192 7.00 22.08 -33.94
N SER E 193 5.91 22.84 -33.86
CA SER E 193 5.08 22.82 -32.68
C SER E 193 4.58 21.40 -32.42
N ALA E 194 4.18 20.72 -33.49
CA ALA E 194 3.69 19.35 -33.33
C ALA E 194 4.79 18.47 -32.74
N ARG E 195 6.00 18.59 -33.28
CA ARG E 195 7.15 17.81 -32.82
C ARG E 195 7.48 18.14 -31.38
N LEU E 196 7.39 19.42 -31.01
CA LEU E 196 7.69 19.77 -29.63
C LEU E 196 6.73 19.09 -28.67
N ARG E 197 5.44 19.04 -29.04
CA ARG E 197 4.46 18.40 -28.18
C ARG E 197 4.67 16.90 -28.12
N LEU E 198 5.04 16.30 -29.25
CA LEU E 198 5.28 14.87 -29.28
C LEU E 198 6.42 14.58 -28.30
N ALA E 199 7.53 15.30 -28.48
CA ALA E 199 8.69 15.14 -27.62
C ALA E 199 8.32 15.34 -26.16
N GLY E 200 7.49 16.34 -25.88
CA GLY E 200 7.08 16.59 -24.52
C GLY E 200 6.38 15.40 -23.91
N TRP E 201 5.46 14.80 -24.64
CA TRP E 201 4.74 13.65 -24.11
C TRP E 201 5.68 12.50 -23.82
N HIS E 202 6.56 12.19 -24.77
CA HIS E 202 7.51 11.11 -24.57
C HIS E 202 8.35 11.41 -23.33
N LYS E 203 8.83 12.64 -23.22
CA LYS E 203 9.62 12.99 -22.08
C LYS E 203 8.91 12.69 -20.76
N TYR E 204 7.71 13.23 -20.56
CA TYR E 204 7.02 12.99 -19.31
C TYR E 204 6.38 11.63 -19.14
N LEU E 205 6.13 10.93 -20.23
CA LEU E 205 5.59 9.59 -20.10
C LEU E 205 6.75 8.70 -19.61
N THR E 206 7.96 8.97 -20.14
CA THR E 206 9.13 8.23 -19.74
C THR E 206 9.39 8.41 -18.26
N ARG E 207 9.31 9.65 -17.77
CA ARG E 207 9.54 9.89 -16.35
C ARG E 207 8.50 9.22 -15.46
N ASN E 208 7.49 8.60 -16.05
CA ASN E 208 6.48 7.93 -15.26
C ASN E 208 6.49 6.47 -15.64
N GLN E 209 7.57 6.07 -16.29
CA GLN E 209 7.76 4.70 -16.71
C GLN E 209 6.57 4.17 -17.47
N ILE E 210 6.16 4.93 -18.48
CA ILE E 210 5.04 4.55 -19.31
C ILE E 210 5.49 4.62 -20.76
N GLN E 211 5.06 3.67 -21.56
CA GLN E 211 5.39 3.69 -22.97
C GLN E 211 4.07 3.72 -23.72
N PRO E 212 3.88 4.72 -24.59
CA PRO E 212 2.62 4.77 -25.32
C PRO E 212 2.36 3.46 -26.05
N ILE E 213 1.14 2.95 -25.99
CA ILE E 213 0.82 1.71 -26.69
C ILE E 213 0.49 1.99 -28.15
N ALA E 214 0.53 3.27 -28.54
CA ALA E 214 0.26 3.67 -29.91
C ALA E 214 0.73 5.10 -30.11
N GLU E 215 1.05 5.45 -31.34
CA GLU E 215 1.53 6.78 -31.64
C GLU E 215 1.27 7.07 -33.11
N ARG E 216 0.24 7.88 -33.40
CA ARG E 216 -0.11 8.20 -34.77
C ARG E 216 0.08 9.68 -35.05
N GLU E 217 0.04 10.02 -36.34
CA GLU E 217 0.22 11.39 -36.78
C GLU E 217 -0.99 11.87 -37.60
N GLY E 218 -1.50 13.05 -37.25
CA GLY E 218 -2.62 13.60 -37.98
C GLY E 218 -2.12 14.81 -38.75
N ASP E 219 -3.01 15.71 -39.14
CA ASP E 219 -2.61 16.90 -39.85
C ASP E 219 -3.30 18.12 -39.28
N TRP E 220 -3.76 18.01 -38.04
CA TRP E 220 -4.46 19.10 -37.33
C TRP E 220 -5.97 19.08 -37.53
N SER E 221 -6.44 18.45 -38.60
CA SER E 221 -7.87 18.38 -38.89
C SER E 221 -8.59 17.31 -38.07
N ALA E 222 -9.87 17.56 -37.79
CA ALA E 222 -10.68 16.60 -37.05
C ALA E 222 -10.79 15.27 -37.80
N MET E 223 -10.87 15.34 -39.12
CA MET E 223 -10.99 14.14 -39.94
C MET E 223 -9.76 13.25 -39.75
N SER E 224 -8.57 13.86 -39.68
CA SER E 224 -7.37 13.06 -39.47
C SER E 224 -7.45 12.42 -38.09
N GLY E 225 -7.95 13.16 -37.11
CA GLY E 225 -8.09 12.60 -35.78
C GLY E 225 -9.04 11.41 -35.81
N PHE E 226 -10.10 11.52 -36.58
CA PHE E 226 -11.09 10.45 -36.69
C PHE E 226 -10.51 9.22 -37.36
N GLN E 227 -9.90 9.42 -38.53
CA GLN E 227 -9.29 8.35 -39.29
C GLN E 227 -8.17 7.64 -38.53
N GLN E 228 -7.25 8.41 -37.96
CA GLN E 228 -6.15 7.81 -37.21
C GLN E 228 -6.65 6.99 -36.04
N THR E 229 -7.59 7.53 -35.26
CA THR E 229 -8.10 6.79 -34.12
C THR E 229 -8.92 5.59 -34.56
N MET E 230 -9.45 5.61 -35.78
CA MET E 230 -10.22 4.48 -36.28
C MET E 230 -9.26 3.36 -36.65
N GLN E 231 -8.21 3.70 -37.38
CA GLN E 231 -7.21 2.71 -37.77
C GLN E 231 -6.65 2.05 -36.52
N MET E 232 -6.31 2.87 -35.53
CA MET E 232 -5.77 2.36 -34.28
C MET E 232 -6.70 1.35 -33.64
N LEU E 233 -7.97 1.70 -33.52
CA LEU E 233 -8.95 0.80 -32.91
C LEU E 233 -9.21 -0.43 -33.78
N ASN E 234 -9.11 -0.27 -35.09
CA ASN E 234 -9.34 -1.40 -35.98
C ASN E 234 -8.20 -2.39 -35.88
N GLU E 235 -7.04 -1.93 -35.41
CA GLU E 235 -5.87 -2.80 -35.26
C GLU E 235 -5.93 -3.47 -33.89
N GLY E 236 -7.07 -3.39 -33.24
CA GLY E 236 -7.19 -4.00 -31.93
C GLY E 236 -6.48 -3.29 -30.80
N ILE E 237 -5.80 -2.17 -31.10
CA ILE E 237 -5.13 -1.41 -30.06
C ILE E 237 -6.13 -0.46 -29.42
N VAL E 238 -6.56 -0.75 -28.20
CA VAL E 238 -7.54 0.10 -27.55
C VAL E 238 -7.05 0.59 -26.17
N PRO E 239 -6.48 1.81 -26.12
CA PRO E 239 -5.95 2.45 -24.91
C PRO E 239 -7.05 2.89 -23.97
N THR E 240 -6.67 3.42 -22.81
CA THR E 240 -7.67 3.89 -21.87
C THR E 240 -7.64 5.43 -21.84
N ALA E 241 -6.70 6.01 -22.58
CA ALA E 241 -6.57 7.45 -22.63
C ALA E 241 -5.73 7.85 -23.82
N MET E 242 -6.03 9.03 -24.37
CA MET E 242 -5.30 9.55 -25.52
C MET E 242 -4.88 11.01 -25.29
N LEU E 243 -3.67 11.34 -25.71
CA LEU E 243 -3.17 12.71 -25.63
C LEU E 243 -3.17 13.12 -27.09
N VAL E 244 -3.94 14.16 -27.42
CA VAL E 244 -4.03 14.62 -28.80
C VAL E 244 -3.40 15.99 -28.95
N ALA E 245 -2.71 16.23 -30.06
CA ALA E 245 -1.99 17.47 -30.30
C ALA E 245 -2.84 18.75 -30.38
N ASN E 246 -4.14 18.62 -30.65
CA ASN E 246 -5.02 19.79 -30.69
C ASN E 246 -6.47 19.38 -30.51
N ASP E 247 -7.32 20.34 -30.15
CA ASP E 247 -8.74 20.11 -29.92
C ASP E 247 -9.45 19.55 -31.16
N GLN E 248 -9.11 20.03 -32.34
CA GLN E 248 -9.78 19.53 -33.52
C GLN E 248 -9.57 18.03 -33.74
N MET E 249 -8.33 17.57 -33.60
CA MET E 249 -8.09 16.13 -33.78
C MET E 249 -8.73 15.37 -32.63
N ALA E 250 -8.77 15.98 -31.46
CA ALA E 250 -9.39 15.34 -30.32
C ALA E 250 -10.86 15.12 -30.66
N LEU E 251 -11.45 16.09 -31.37
CA LEU E 251 -12.85 15.96 -31.77
C LEU E 251 -13.01 14.73 -32.65
N GLY E 252 -12.12 14.57 -33.62
CA GLY E 252 -12.19 13.42 -34.50
C GLY E 252 -12.00 12.11 -33.73
N ALA E 253 -11.08 12.12 -32.77
CA ALA E 253 -10.80 10.94 -31.98
C ALA E 253 -12.05 10.57 -31.21
N MET E 254 -12.67 11.56 -30.58
CA MET E 254 -13.88 11.32 -29.81
C MET E 254 -14.98 10.70 -30.69
N ARG E 255 -15.08 11.16 -31.94
CA ARG E 255 -16.10 10.61 -32.84
C ARG E 255 -15.81 9.13 -33.03
N ALA E 256 -14.57 8.82 -33.39
CA ALA E 256 -14.14 7.43 -33.60
C ALA E 256 -14.38 6.58 -32.36
N ILE E 257 -14.01 7.09 -31.20
CA ILE E 257 -14.23 6.33 -29.98
C ILE E 257 -15.71 6.02 -29.82
N THR E 258 -16.54 7.07 -29.92
CA THR E 258 -17.98 6.93 -29.75
C THR E 258 -18.62 6.03 -30.79
N GLU E 259 -18.27 6.22 -32.06
CA GLU E 259 -18.87 5.39 -33.09
C GLU E 259 -18.36 3.96 -33.05
N SER E 260 -17.53 3.66 -32.07
CA SER E 260 -17.00 2.32 -31.90
C SER E 260 -17.69 1.61 -30.74
N GLY E 261 -18.60 2.28 -30.07
CA GLY E 261 -19.30 1.66 -28.97
C GLY E 261 -18.66 1.96 -27.63
N LEU E 262 -17.60 2.76 -27.64
CA LEU E 262 -16.92 3.11 -26.40
C LEU E 262 -17.34 4.50 -25.93
N ARG E 263 -17.30 4.72 -24.62
CA ARG E 263 -17.68 6.01 -24.05
C ARG E 263 -16.46 6.89 -23.80
N VAL E 264 -16.41 8.06 -24.44
CA VAL E 264 -15.31 8.98 -24.21
C VAL E 264 -15.34 9.32 -22.74
N GLY E 265 -14.20 9.21 -22.08
CA GLY E 265 -14.14 9.50 -20.67
C GLY E 265 -14.14 8.19 -19.89
N ALA E 266 -15.31 7.56 -19.79
CA ALA E 266 -15.45 6.31 -19.06
C ALA E 266 -14.64 5.14 -19.61
N ASP E 267 -14.56 5.00 -20.93
CA ASP E 267 -13.79 3.90 -21.50
C ASP E 267 -12.44 4.38 -22.01
N ILE E 268 -12.43 5.44 -22.79
CA ILE E 268 -11.18 6.00 -23.29
C ILE E 268 -11.17 7.49 -23.02
N SER E 269 -10.34 7.94 -22.07
CA SER E 269 -10.24 9.35 -21.77
C SER E 269 -9.51 10.05 -22.90
N VAL E 270 -9.73 11.35 -23.05
CA VAL E 270 -9.08 12.12 -24.11
C VAL E 270 -8.65 13.50 -23.63
N VAL E 271 -7.49 13.93 -24.11
CA VAL E 271 -6.98 15.25 -23.75
C VAL E 271 -6.61 15.95 -25.05
N GLY E 272 -7.00 17.21 -25.18
CA GLY E 272 -6.69 17.94 -26.39
C GLY E 272 -5.68 19.02 -26.14
N TYR E 273 -5.50 19.90 -27.11
CA TYR E 273 -4.53 20.98 -26.99
C TYR E 273 -5.06 22.22 -27.71
N ASP E 274 -4.98 23.39 -27.04
CA ASP E 274 -5.43 24.70 -27.55
C ASP E 274 -6.45 25.37 -26.64
N ASP E 275 -7.48 24.62 -26.29
CA ASP E 275 -8.62 25.11 -25.51
C ASP E 275 -9.38 26.10 -26.41
N THR E 276 -9.71 25.66 -27.62
CA THR E 276 -10.44 26.49 -28.56
C THR E 276 -11.83 26.77 -27.98
N GLU E 277 -12.50 27.80 -28.53
CA GLU E 277 -13.85 28.15 -28.05
C GLU E 277 -14.81 26.98 -28.14
N ASP E 278 -14.81 26.28 -29.26
CA ASP E 278 -15.71 25.15 -29.42
C ASP E 278 -15.46 23.98 -28.44
N SER E 279 -14.22 23.76 -28.03
CA SER E 279 -13.91 22.62 -27.14
C SER E 279 -14.77 22.52 -25.89
N SER E 280 -15.28 23.64 -25.39
CA SER E 280 -16.14 23.58 -24.21
C SER E 280 -17.51 23.00 -24.54
N CYS E 281 -17.83 22.81 -25.83
CA CYS E 281 -19.12 22.28 -26.18
C CYS E 281 -19.11 20.99 -26.99
N TYR E 282 -18.00 20.25 -26.89
CA TYR E 282 -17.90 18.97 -27.58
C TYR E 282 -18.75 17.99 -26.74
N ILE E 283 -19.08 16.83 -27.29
CA ILE E 283 -19.88 15.84 -26.55
C ILE E 283 -18.98 14.67 -26.16
N PRO E 284 -18.46 14.64 -24.92
CA PRO E 284 -18.63 15.59 -23.83
C PRO E 284 -17.55 16.66 -23.84
N PRO E 285 -17.75 17.75 -23.08
CA PRO E 285 -16.77 18.84 -23.02
C PRO E 285 -15.36 18.29 -22.87
N LEU E 286 -14.47 18.76 -23.75
CA LEU E 286 -13.07 18.34 -23.85
C LEU E 286 -12.06 18.91 -22.88
N THR E 287 -11.41 18.02 -22.13
CA THR E 287 -10.34 18.42 -21.20
C THR E 287 -9.20 18.81 -22.15
N THR E 288 -8.56 19.95 -21.90
CA THR E 288 -7.54 20.40 -22.82
C THR E 288 -6.49 21.31 -22.18
N ILE E 289 -5.50 21.68 -22.97
CA ILE E 289 -4.45 22.56 -22.51
C ILE E 289 -4.72 23.91 -23.16
N LYS E 290 -4.84 24.94 -22.33
CA LYS E 290 -5.11 26.28 -22.80
C LYS E 290 -3.93 27.07 -23.30
N GLN E 291 -4.00 27.48 -24.57
CA GLN E 291 -2.97 28.30 -25.18
C GLN E 291 -3.64 29.64 -25.51
N ASP E 292 -3.35 30.65 -24.72
CA ASP E 292 -3.93 31.98 -24.92
C ASP E 292 -3.34 32.69 -26.13
N PHE E 293 -3.96 32.50 -27.29
CA PHE E 293 -3.48 33.12 -28.50
C PHE E 293 -3.48 34.64 -28.48
N ARG E 294 -4.38 35.25 -27.72
CA ARG E 294 -4.43 36.70 -27.64
C ARG E 294 -3.11 37.14 -27.04
N LEU E 295 -2.75 36.51 -25.92
CA LEU E 295 -1.51 36.81 -25.22
C LEU E 295 -0.28 36.65 -26.11
N LEU E 296 -0.27 35.61 -26.95
CA LEU E 296 0.86 35.40 -27.82
C LEU E 296 1.00 36.56 -28.80
N GLY E 297 -0.11 36.92 -29.46
CA GLY E 297 -0.09 38.02 -30.40
C GLY E 297 0.24 39.36 -29.74
N GLN E 298 -0.36 39.60 -28.58
CA GLN E 298 -0.11 40.84 -27.85
C GLN E 298 1.37 40.95 -27.50
N THR E 299 1.91 39.86 -26.95
CA THR E 299 3.31 39.80 -26.55
C THR E 299 4.24 39.91 -27.76
N SER E 300 3.86 39.27 -28.87
CA SER E 300 4.70 39.33 -30.05
C SER E 300 4.93 40.74 -30.54
N VAL E 301 3.87 41.54 -30.58
CA VAL E 301 3.99 42.91 -31.04
C VAL E 301 4.85 43.73 -30.08
N ASP E 302 4.52 43.66 -28.79
CA ASP E 302 5.27 44.38 -27.81
C ASP E 302 6.75 44.06 -27.92
N ARG E 303 7.05 42.76 -28.06
CA ARG E 303 8.44 42.29 -28.16
C ARG E 303 9.13 42.73 -29.43
N LEU E 304 8.46 42.66 -30.57
CA LEU E 304 9.08 43.07 -31.82
C LEU E 304 9.41 44.55 -31.79
N LEU E 305 8.61 45.33 -31.07
CA LEU E 305 8.86 46.76 -31.00
C LEU E 305 10.07 47.01 -30.10
N GLN E 306 10.13 46.31 -28.97
CA GLN E 306 11.25 46.46 -28.05
C GLN E 306 12.53 46.17 -28.81
N LEU E 307 12.54 45.06 -29.55
CA LEU E 307 13.70 44.67 -30.33
C LEU E 307 14.05 45.78 -31.32
N SER E 308 13.03 46.31 -31.97
CA SER E 308 13.22 47.38 -32.93
C SER E 308 13.95 48.55 -32.28
N GLN E 309 13.73 48.70 -30.98
CA GLN E 309 14.36 49.77 -30.22
C GLN E 309 15.64 49.30 -29.54
N GLY E 310 16.31 48.32 -30.13
CA GLY E 310 17.54 47.80 -29.58
C GLY E 310 17.48 47.45 -28.11
N GLN E 311 16.28 47.18 -27.59
CA GLN E 311 16.13 46.82 -26.19
C GLN E 311 16.75 45.42 -26.00
N ALA E 312 17.48 45.22 -24.90
CA ALA E 312 18.13 43.93 -24.63
C ALA E 312 17.15 42.83 -24.19
N VAL E 313 16.43 42.27 -25.14
CA VAL E 313 15.46 41.21 -24.85
C VAL E 313 15.55 40.07 -25.88
N LYS E 314 16.78 39.82 -26.34
CA LYS E 314 17.05 38.78 -27.32
C LYS E 314 16.82 37.38 -26.74
N GLY E 315 16.65 36.39 -27.62
CA GLY E 315 16.46 35.03 -27.15
C GLY E 315 15.12 34.36 -27.35
N ASN E 316 14.83 33.38 -26.50
CA ASN E 316 13.58 32.64 -26.56
C ASN E 316 12.75 32.89 -25.31
N GLN E 317 11.46 33.09 -25.51
CA GLN E 317 10.54 33.32 -24.40
C GLN E 317 9.49 32.22 -24.41
N LEU E 318 9.10 31.78 -23.22
CA LEU E 318 8.09 30.75 -23.09
C LEU E 318 6.85 31.35 -22.46
N LEU E 319 5.70 31.11 -23.07
CA LEU E 319 4.43 31.62 -22.53
C LEU E 319 3.76 30.53 -21.71
N PRO E 320 3.12 30.90 -20.61
CA PRO E 320 2.47 29.88 -19.78
C PRO E 320 1.27 29.23 -20.45
N VAL E 321 0.88 28.05 -19.95
CA VAL E 321 -0.27 27.33 -20.45
C VAL E 321 -0.93 26.74 -19.20
N SER E 322 -2.08 26.11 -19.34
CA SER E 322 -2.73 25.57 -18.15
C SER E 322 -3.64 24.44 -18.54
N LEU E 323 -3.97 23.59 -17.57
CA LEU E 323 -4.85 22.46 -17.83
C LEU E 323 -6.30 22.85 -17.57
N VAL E 324 -7.18 22.58 -18.53
CA VAL E 324 -8.58 22.89 -18.35
C VAL E 324 -9.29 21.54 -18.21
N LYS E 325 -9.72 21.22 -17.00
CA LYS E 325 -10.39 19.96 -16.76
C LYS E 325 -11.85 20.01 -17.14
N ARG E 326 -12.24 19.12 -18.04
CA ARG E 326 -13.59 19.08 -18.49
C ARG E 326 -14.16 17.68 -18.29
N LYS E 327 -14.89 17.13 -19.26
CA LYS E 327 -15.50 15.81 -19.06
C LYS E 327 -14.92 14.61 -19.79
N THR E 328 -13.97 14.84 -20.69
CA THR E 328 -13.37 13.74 -21.43
C THR E 328 -12.32 12.92 -20.66
N THR E 329 -11.98 13.31 -19.43
CA THR E 329 -11.02 12.54 -18.66
C THR E 329 -11.54 12.10 -17.30
N LEU E 330 -11.93 10.84 -17.23
CA LEU E 330 -12.41 10.28 -15.97
C LEU E 330 -11.43 9.24 -15.47
N ALA E 331 -11.68 8.73 -14.27
CA ALA E 331 -10.81 7.71 -13.70
C ALA E 331 -10.64 6.55 -14.70
#